data_4WZ5
#
_entry.id   4WZ5
#
_cell.length_a   65.740
_cell.length_b   82.350
_cell.length_c   102.380
_cell.angle_alpha   90.00
_cell.angle_beta   94.54
_cell.angle_gamma   90.00
#
_symmetry.space_group_name_H-M   'P 1 21 1'
#
loop_
_entity.id
_entity.type
_entity.pdbx_description
1 polymer 'Beta-lactamase OXA-10'
2 polymer 'Beta-lactamase OXA-10'
3 non-polymer 'SULFATE ION'
4 non-polymer '{(3R)-6-[(3-amino-1,2,4-thiadiazol-5-yl)oxy]-1-hydroxy-4,5-dimethyl-1,3-dihydro-2,1-benzoxaborol-3-yl}acetic acid'
5 non-polymer 'CARBON DIOXIDE'
6 water water
#
loop_
_entity_poly.entity_id
_entity_poly.type
_entity_poly.pdbx_seq_one_letter_code
_entity_poly.pdbx_strand_id
1 'polypeptide(L)'
;MGSITENTSWNKEFSAEAVNGVFVLCKSSSKSCATNDLARASKEYLPASTF(KCX)IPNAIIGLETGVIKNEHQVFKWDG
KPRAMKQWERDLTLRGAIQVSAVPVFQQIAREVGEVRMQKYLKKFSYGNQNISGGIDKFWLEGQLRISAVNQVEFLESLY
LNKLSASKENQLIVKEALVTEAAPEYLVHSKTGFSGVGTESNPGVAWWVGWVEKETEVYFFAFNMDIDNESKLPLRKSIP
TKIMESEGIIGG
;
A,B
2 'polypeptide(L)'
;MGSITENTSWNKEFSAEAVNGVFVLCKSSSKSCATNDLARASKEYLPASTFKIPNAIIGLETGVIKNEHQVFKWDGKPRA
MKQWERDLTLRGAIQVSAVPVFQQIAREVGEVRMQKYLKKFSYGNQNISGGIDKFWLEGQLRISAVNQVEFLESLYLNKL
SASKENQLIVKEALVTEAAPEYLVHSKTGFSGVGTESNPGVAWWVGWVEKETEVYFFAFNMDIDNESKLPLRKSIPTKIM
ESEGIIGG
;
C,D
#
# COMPACT_ATOMS: atom_id res chain seq x y z
N SER A 3 -29.48 16.20 -39.87
CA SER A 3 -28.63 15.01 -39.99
C SER A 3 -29.22 13.79 -39.26
N ILE A 4 -29.85 14.05 -38.11
CA ILE A 4 -30.44 13.05 -37.22
C ILE A 4 -31.89 12.71 -37.65
N THR A 5 -32.21 11.42 -37.70
CA THR A 5 -33.55 10.95 -38.09
C THR A 5 -34.21 10.22 -36.93
N GLU A 6 -35.54 10.14 -36.93
CA GLU A 6 -36.28 9.45 -35.87
C GLU A 6 -36.69 8.05 -36.36
N ASN A 7 -36.50 7.02 -35.53
CA ASN A 7 -36.92 5.65 -35.82
C ASN A 7 -37.94 5.32 -34.72
N THR A 8 -39.24 5.43 -35.03
CA THR A 8 -40.30 5.22 -34.04
C THR A 8 -40.44 3.76 -33.59
N SER A 9 -39.93 2.81 -34.39
CA SER A 9 -40.00 1.37 -34.06
C SER A 9 -39.13 1.06 -32.82
N TRP A 10 -38.11 1.90 -32.55
CA TRP A 10 -37.24 1.71 -31.38
C TRP A 10 -37.96 1.99 -30.08
N ASN A 11 -39.16 2.64 -30.16
CA ASN A 11 -39.95 2.96 -28.97
C ASN A 11 -40.51 1.74 -28.27
N LYS A 12 -40.70 0.62 -29.01
CA LYS A 12 -41.25 -0.65 -28.53
C LYS A 12 -40.50 -1.11 -27.30
N GLU A 13 -39.18 -1.03 -27.38
CA GLU A 13 -38.24 -1.41 -26.35
C GLU A 13 -38.35 -0.53 -25.10
N PHE A 14 -38.82 0.75 -25.21
CA PHE A 14 -39.00 1.73 -24.11
C PHE A 14 -40.38 1.64 -23.44
N SER A 15 -41.44 1.58 -24.28
CA SER A 15 -42.84 1.51 -23.83
C SER A 15 -43.13 0.20 -23.10
N ALA A 16 -42.40 -0.89 -23.46
CA ALA A 16 -42.56 -2.21 -22.84
C ALA A 16 -42.14 -2.21 -21.37
N GLU A 17 -41.15 -1.37 -21.02
CA GLU A 17 -40.61 -1.28 -19.66
C GLU A 17 -41.09 0.00 -18.95
N ALA A 18 -42.00 0.77 -19.61
CA ALA A 18 -42.56 2.06 -19.15
C ALA A 18 -41.41 3.04 -18.81
N VAL A 19 -40.42 3.11 -19.71
CA VAL A 19 -39.21 3.91 -19.54
C VAL A 19 -39.24 5.15 -20.42
N ASN A 20 -38.89 6.28 -19.81
CA ASN A 20 -38.75 7.53 -20.51
C ASN A 20 -37.27 7.65 -20.74
N GLY A 21 -36.86 7.55 -21.99
CA GLY A 21 -35.43 7.61 -22.31
C GLY A 21 -35.15 7.83 -23.78
N VAL A 22 -33.87 7.85 -24.13
CA VAL A 22 -33.45 8.06 -25.51
C VAL A 22 -32.25 7.19 -25.83
N PHE A 23 -32.18 6.74 -27.06
CA PHE A 23 -31.06 6.01 -27.61
C PHE A 23 -30.67 6.76 -28.88
N VAL A 24 -29.39 7.07 -29.03
CA VAL A 24 -28.85 7.73 -30.22
C VAL A 24 -27.83 6.74 -30.78
N LEU A 25 -27.98 6.38 -32.06
CA LEU A 25 -27.09 5.39 -32.72
C LEU A 25 -26.62 5.97 -34.03
N CYS A 26 -25.30 6.03 -34.23
CA CYS A 26 -24.69 6.63 -35.42
C CYS A 26 -23.77 5.66 -36.12
N LYS A 27 -23.98 5.43 -37.42
CA LYS A 27 -23.10 4.59 -38.23
C LYS A 27 -22.05 5.47 -38.90
N SER A 28 -20.76 5.10 -38.77
CA SER A 28 -19.56 5.75 -39.34
C SER A 28 -19.18 7.07 -38.74
N SER A 29 -20.16 7.96 -38.49
CA SER A 29 -19.91 9.31 -37.97
C SER A 29 -21.16 9.88 -37.33
N SER A 30 -20.99 10.99 -36.60
CA SER A 30 -22.11 11.68 -35.95
C SER A 30 -22.97 12.47 -36.95
N LYS A 31 -22.68 12.36 -38.25
CA LYS A 31 -23.46 13.02 -39.31
C LYS A 31 -24.65 12.12 -39.71
N SER A 32 -24.58 10.81 -39.39
CA SER A 32 -25.59 9.82 -39.74
C SER A 32 -26.16 9.16 -38.49
N CYS A 33 -27.01 9.88 -37.75
CA CYS A 33 -27.59 9.36 -36.49
C CYS A 33 -29.06 9.09 -36.60
N ALA A 34 -29.53 8.16 -35.79
CA ALA A 34 -30.94 7.84 -35.68
C ALA A 34 -31.26 7.74 -34.18
N THR A 35 -32.49 8.09 -33.79
CA THR A 35 -32.91 8.06 -32.37
C THR A 35 -34.39 7.70 -32.28
N ASN A 36 -34.84 7.24 -31.13
CA ASN A 36 -36.25 6.95 -30.87
C ASN A 36 -36.99 8.23 -30.56
N ASP A 37 -36.27 9.28 -30.06
CA ASP A 37 -36.88 10.54 -29.61
C ASP A 37 -36.01 11.75 -29.93
N LEU A 38 -36.38 12.47 -31.00
CA LEU A 38 -35.64 13.65 -31.46
C LEU A 38 -35.53 14.76 -30.40
N ALA A 39 -36.60 14.97 -29.61
CA ALA A 39 -36.57 16.00 -28.58
C ALA A 39 -35.59 15.67 -27.44
N ARG A 40 -35.64 14.42 -26.94
CA ARG A 40 -34.79 14.02 -25.84
C ARG A 40 -33.33 13.84 -26.27
N ALA A 41 -33.08 13.58 -27.57
CA ALA A 41 -31.70 13.38 -28.05
C ALA A 41 -30.75 14.56 -27.71
N SER A 42 -31.23 15.82 -27.73
CA SER A 42 -30.40 16.97 -27.38
C SER A 42 -30.68 17.51 -25.98
N LYS A 43 -31.58 16.86 -25.20
CA LYS A 43 -31.82 17.28 -23.81
C LYS A 43 -30.60 16.91 -22.96
N GLU A 44 -30.19 17.80 -22.06
CA GLU A 44 -28.98 17.61 -21.26
C GLU A 44 -29.24 17.13 -19.84
N TYR A 45 -28.46 16.14 -19.42
CA TYR A 45 -28.57 15.51 -18.10
C TYR A 45 -27.22 15.42 -17.41
N LEU A 46 -27.22 15.26 -16.07
CA LEU A 46 -26.00 15.02 -15.30
C LEU A 46 -25.26 13.83 -15.98
N PRO A 47 -23.95 13.94 -16.26
CA PRO A 47 -23.25 12.81 -16.91
C PRO A 47 -23.03 11.63 -15.94
N ALA A 48 -22.98 11.93 -14.62
CA ALA A 48 -22.71 10.91 -13.59
C ALA A 48 -21.36 10.22 -13.97
N SER A 49 -21.22 8.88 -13.82
CA SER A 49 -19.95 8.20 -14.06
C SER A 49 -19.49 8.18 -15.53
N THR A 50 -20.33 8.63 -16.50
CA THR A 50 -19.81 8.75 -17.87
C THR A 50 -18.74 9.85 -17.92
N PHE A 51 -18.72 10.70 -16.90
CA PHE A 51 -17.72 11.78 -16.78
C PHE A 51 -16.32 11.20 -16.52
N ILE A 53 -14.75 9.33 -18.42
CA ILE A 53 -14.00 9.37 -19.68
C ILE A 53 -13.23 10.70 -19.83
N PRO A 54 -13.88 11.89 -19.88
CA PRO A 54 -13.08 13.13 -19.96
C PRO A 54 -12.18 13.30 -18.72
N ASN A 55 -12.66 12.93 -17.52
CA ASN A 55 -11.84 13.09 -16.30
C ASN A 55 -10.52 12.30 -16.37
N ALA A 56 -10.57 11.05 -16.90
CA ALA A 56 -9.37 10.22 -17.09
C ALA A 56 -8.42 10.87 -18.09
N ILE A 57 -8.98 11.38 -19.24
CA ILE A 57 -8.15 12.04 -20.26
C ILE A 57 -7.46 13.27 -19.64
N ILE A 58 -8.24 14.10 -18.93
CA ILE A 58 -7.74 15.29 -18.25
C ILE A 58 -6.68 14.96 -17.20
N GLY A 59 -6.90 13.90 -16.42
CA GLY A 59 -5.94 13.46 -15.41
C GLY A 59 -4.60 13.09 -16.03
N LEU A 60 -4.64 12.41 -17.20
CA LEU A 60 -3.42 12.04 -17.91
C LEU A 60 -2.74 13.28 -18.52
N GLU A 61 -3.53 14.15 -19.18
CA GLU A 61 -3.04 15.38 -19.82
C GLU A 61 -2.29 16.31 -18.87
N THR A 62 -2.83 16.48 -17.66
CA THR A 62 -2.28 17.37 -16.64
C THR A 62 -1.13 16.72 -15.83
N GLY A 63 -0.93 15.41 -16.03
CA GLY A 63 0.09 14.67 -15.29
C GLY A 63 -0.36 14.23 -13.91
N VAL A 64 -1.63 14.52 -13.54
CA VAL A 64 -2.21 14.07 -12.27
C VAL A 64 -2.15 12.53 -12.24
N ILE A 65 -2.45 11.89 -13.38
CA ILE A 65 -2.32 10.44 -13.54
C ILE A 65 -0.98 10.30 -14.27
N LYS A 66 0.02 9.69 -13.60
CA LYS A 66 1.39 9.59 -14.10
C LYS A 66 1.48 8.97 -15.49
N ASN A 67 0.87 7.79 -15.67
CA ASN A 67 0.86 7.04 -16.92
C ASN A 67 -0.23 5.96 -16.88
N GLU A 68 -0.32 5.11 -17.93
CA GLU A 68 -1.31 4.05 -18.03
CA GLU A 68 -1.39 4.10 -17.95
C GLU A 68 -1.23 3.00 -16.91
N HIS A 69 -0.04 2.84 -16.29
CA HIS A 69 0.18 1.80 -15.29
C HIS A 69 0.11 2.29 -13.82
N GLN A 70 -0.39 3.52 -13.65
CA GLN A 70 -0.59 4.13 -12.34
C GLN A 70 -1.52 3.24 -11.50
N VAL A 71 -1.15 2.95 -10.24
CA VAL A 71 -2.01 2.19 -9.37
C VAL A 71 -2.62 3.14 -8.35
N PHE A 72 -3.95 3.09 -8.18
CA PHE A 72 -4.65 3.92 -7.20
C PHE A 72 -4.84 3.05 -5.97
N LYS A 73 -4.04 3.30 -4.92
CA LYS A 73 -4.04 2.47 -3.74
C LYS A 73 -5.23 2.73 -2.83
N TRP A 74 -5.76 1.68 -2.17
CA TRP A 74 -6.82 1.82 -1.19
C TRP A 74 -6.12 1.98 0.16
N ASP A 75 -6.48 3.00 0.98
CA ASP A 75 -5.87 3.22 2.30
C ASP A 75 -6.40 2.33 3.46
N GLY A 76 -7.30 1.40 3.15
CA GLY A 76 -7.88 0.50 4.12
C GLY A 76 -9.03 1.10 4.90
N LYS A 77 -9.41 2.34 4.55
CA LYS A 77 -10.50 3.06 5.24
C LYS A 77 -11.82 2.90 4.45
N PRO A 78 -12.99 2.94 5.14
CA PRO A 78 -14.25 2.63 4.42
C PRO A 78 -14.57 3.44 3.17
N ARG A 79 -15.03 2.72 2.13
CA ARG A 79 -15.55 3.31 0.90
C ARG A 79 -17.02 2.88 0.74
N ALA A 80 -17.77 3.58 -0.12
CA ALA A 80 -19.21 3.34 -0.31
C ALA A 80 -19.54 1.95 -0.85
N MET A 81 -18.65 1.37 -1.68
CA MET A 81 -18.85 0.05 -2.27
C MET A 81 -17.68 -0.85 -1.95
N LYS A 82 -17.99 -2.11 -1.59
CA LYS A 82 -17.00 -3.16 -1.31
C LYS A 82 -16.06 -3.35 -2.52
N GLN A 83 -16.62 -3.22 -3.75
CA GLN A 83 -15.84 -3.37 -4.97
C GLN A 83 -14.75 -2.29 -5.16
N TRP A 84 -14.84 -1.18 -4.38
CA TRP A 84 -13.86 -0.08 -4.43
C TRP A 84 -12.80 -0.19 -3.36
N GLU A 85 -12.98 -1.14 -2.41
CA GLU A 85 -12.06 -1.31 -1.31
C GLU A 85 -10.91 -2.23 -1.68
N ARG A 86 -10.11 -1.77 -2.65
CA ARG A 86 -8.94 -2.49 -3.14
C ARG A 86 -8.14 -1.55 -4.02
N ASP A 87 -6.87 -1.92 -4.29
CA ASP A 87 -6.04 -1.13 -5.20
C ASP A 87 -6.62 -1.32 -6.60
N LEU A 88 -6.58 -0.29 -7.40
CA LEU A 88 -7.17 -0.33 -8.74
C LEU A 88 -6.21 0.26 -9.79
N THR A 89 -6.24 -0.30 -11.00
CA THR A 89 -5.49 0.30 -12.12
C THR A 89 -6.41 1.38 -12.70
N LEU A 90 -5.95 2.16 -13.67
CA LEU A 90 -6.82 3.18 -14.27
C LEU A 90 -8.00 2.48 -14.95
N ARG A 91 -7.73 1.42 -15.74
CA ARG A 91 -8.82 0.67 -16.34
C ARG A 91 -9.75 0.10 -15.25
N GLY A 92 -9.19 -0.48 -14.18
CA GLY A 92 -10.01 -1.04 -13.11
C GLY A 92 -10.91 0.02 -12.48
N ALA A 93 -10.35 1.23 -12.23
CA ALA A 93 -11.06 2.32 -11.54
C ALA A 93 -12.22 2.82 -12.44
N ILE A 94 -11.99 2.82 -13.76
CA ILE A 94 -13.05 3.22 -14.70
C ILE A 94 -14.14 2.11 -14.76
N GLN A 95 -13.70 0.84 -14.93
CA GLN A 95 -14.61 -0.29 -15.10
C GLN A 95 -15.51 -0.56 -13.90
N VAL A 96 -14.96 -0.46 -12.67
CA VAL A 96 -15.78 -0.65 -11.45
C VAL A 96 -16.46 0.66 -11.03
N SER A 97 -16.18 1.73 -11.78
CA SER A 97 -16.75 3.06 -11.54
C SER A 97 -16.41 3.58 -10.12
N ALA A 98 -15.10 3.54 -9.76
CA ALA A 98 -14.60 3.98 -8.44
C ALA A 98 -14.65 5.48 -8.26
N VAL A 99 -15.82 5.99 -7.86
CA VAL A 99 -16.08 7.42 -7.64
C VAL A 99 -14.97 8.08 -6.81
N PRO A 100 -14.52 7.55 -5.65
CA PRO A 100 -13.53 8.30 -4.85
C PRO A 100 -12.18 8.49 -5.56
N VAL A 101 -11.79 7.55 -6.42
CA VAL A 101 -10.53 7.68 -7.17
C VAL A 101 -10.62 8.94 -8.07
N PHE A 102 -11.75 9.08 -8.78
CA PHE A 102 -11.97 10.19 -9.72
C PHE A 102 -12.26 11.50 -9.02
N GLN A 103 -12.82 11.47 -7.80
CA GLN A 103 -13.01 12.71 -7.03
C GLN A 103 -11.64 13.27 -6.65
N GLN A 104 -10.68 12.38 -6.29
CA GLN A 104 -9.32 12.82 -5.96
C GLN A 104 -8.59 13.36 -7.20
N ILE A 105 -8.75 12.69 -8.37
CA ILE A 105 -8.15 13.19 -9.61
C ILE A 105 -8.70 14.60 -9.92
N ALA A 106 -10.04 14.80 -9.81
CA ALA A 106 -10.66 16.10 -10.09
C ALA A 106 -10.10 17.20 -9.17
N ARG A 107 -9.89 16.88 -7.90
CA ARG A 107 -9.33 17.82 -6.91
C ARG A 107 -7.94 18.25 -7.32
N GLU A 108 -7.12 17.28 -7.78
CA GLU A 108 -5.75 17.55 -8.21
C GLU A 108 -5.71 18.32 -9.52
N VAL A 109 -6.65 18.03 -10.43
CA VAL A 109 -6.76 18.81 -11.69
C VAL A 109 -7.09 20.27 -11.34
N GLY A 110 -8.09 20.48 -10.48
CA GLY A 110 -8.51 21.80 -10.05
C GLY A 110 -9.47 22.46 -11.02
N GLU A 111 -10.17 23.50 -10.55
CA GLU A 111 -11.19 24.21 -11.32
C GLU A 111 -10.70 24.86 -12.62
N VAL A 112 -9.56 25.57 -12.59
CA VAL A 112 -9.05 26.27 -13.77
C VAL A 112 -8.76 25.32 -14.92
N ARG A 113 -8.01 24.25 -14.64
CA ARG A 113 -7.64 23.28 -15.65
C ARG A 113 -8.86 22.48 -16.09
N MET A 114 -9.76 22.09 -15.14
CA MET A 114 -10.99 21.35 -15.51
C MET A 114 -11.85 22.16 -16.48
N GLN A 115 -12.06 23.45 -16.16
CA GLN A 115 -12.83 24.35 -17.02
C GLN A 115 -12.23 24.46 -18.43
N LYS A 116 -10.89 24.61 -18.52
CA LYS A 116 -10.18 24.76 -19.80
C LYS A 116 -10.39 23.50 -20.70
N TYR A 117 -10.24 22.31 -20.11
CA TYR A 117 -10.42 21.09 -20.89
C TYR A 117 -11.85 20.84 -21.30
N LEU A 118 -12.85 21.17 -20.45
CA LEU A 118 -14.25 20.94 -20.85
C LEU A 118 -14.65 21.90 -21.98
N LYS A 119 -13.99 23.08 -22.05
CA LYS A 119 -14.19 24.02 -23.16
C LYS A 119 -13.55 23.40 -24.43
N LYS A 120 -12.32 22.87 -24.31
CA LYS A 120 -11.62 22.23 -25.44
C LYS A 120 -12.41 21.05 -26.00
N PHE A 121 -13.04 20.28 -25.09
CA PHE A 121 -13.80 19.09 -25.47
C PHE A 121 -15.25 19.36 -25.88
N SER A 122 -15.73 20.65 -25.77
CA SER A 122 -17.13 21.05 -26.03
C SER A 122 -18.05 20.10 -25.24
N TYR A 123 -17.76 19.96 -23.95
CA TYR A 123 -18.45 18.99 -23.10
C TYR A 123 -19.70 19.55 -22.42
N GLY A 124 -20.83 19.34 -23.07
CA GLY A 124 -22.14 19.74 -22.56
C GLY A 124 -22.24 21.21 -22.25
N ASN A 125 -22.88 21.55 -21.13
CA ASN A 125 -23.05 22.96 -20.75
C ASN A 125 -21.79 23.56 -20.12
N GLN A 126 -20.72 22.73 -19.95
CA GLN A 126 -19.41 23.10 -19.39
C GLN A 126 -19.54 23.80 -18.01
N ASN A 127 -20.61 23.49 -17.27
CA ASN A 127 -20.84 24.12 -15.99
C ASN A 127 -20.30 23.24 -14.90
N ILE A 128 -19.15 23.65 -14.30
CA ILE A 128 -18.55 22.79 -13.27
C ILE A 128 -18.83 23.32 -11.85
N SER A 129 -19.91 24.12 -11.69
CA SER A 129 -20.36 24.59 -10.37
C SER A 129 -20.91 23.39 -9.58
N GLY A 130 -20.83 23.47 -8.26
CA GLY A 130 -21.33 22.43 -7.35
C GLY A 130 -20.26 21.70 -6.57
N GLY A 131 -19.01 22.19 -6.67
CA GLY A 131 -17.85 21.61 -6.00
C GLY A 131 -17.00 20.84 -6.99
N ILE A 132 -15.66 21.00 -6.91
CA ILE A 132 -14.70 20.37 -7.84
C ILE A 132 -14.79 18.85 -7.86
N ASP A 133 -15.16 18.22 -6.74
CA ASP A 133 -15.25 16.76 -6.67
C ASP A 133 -16.68 16.22 -6.76
N LYS A 134 -17.65 17.06 -7.14
CA LYS A 134 -19.07 16.64 -7.18
C LYS A 134 -19.85 17.19 -8.37
N PHE A 135 -19.28 18.07 -9.19
CA PHE A 135 -20.07 18.75 -10.22
C PHE A 135 -20.76 17.79 -11.22
N TRP A 136 -20.15 16.64 -11.52
CA TRP A 136 -20.71 15.69 -12.47
C TRP A 136 -21.70 14.70 -11.83
N LEU A 137 -21.79 14.72 -10.48
CA LEU A 137 -22.62 13.77 -9.73
C LEU A 137 -23.89 14.42 -9.21
N GLU A 138 -23.75 15.65 -8.70
CA GLU A 138 -24.89 16.34 -8.12
C GLU A 138 -24.86 17.84 -8.39
N GLY A 139 -23.89 18.28 -9.19
CA GLY A 139 -23.71 19.69 -9.53
C GLY A 139 -24.50 20.13 -10.73
N GLN A 140 -23.98 21.17 -11.41
CA GLN A 140 -24.64 21.83 -12.51
C GLN A 140 -24.26 21.35 -13.91
N LEU A 141 -23.33 20.39 -14.01
CA LEU A 141 -22.91 19.88 -15.31
C LEU A 141 -24.00 19.05 -15.98
N ARG A 142 -24.25 19.33 -17.26
CA ARG A 142 -25.28 18.63 -18.06
C ARG A 142 -24.75 18.35 -19.45
N ILE A 143 -25.07 17.16 -20.00
CA ILE A 143 -24.67 16.79 -21.36
C ILE A 143 -25.79 15.96 -22.01
N SER A 144 -25.96 16.11 -23.34
CA SER A 144 -26.97 15.35 -24.07
C SER A 144 -26.41 14.07 -24.68
N ALA A 145 -27.30 13.17 -25.14
CA ALA A 145 -26.88 11.93 -25.80
C ALA A 145 -26.16 12.27 -27.10
N VAL A 146 -26.67 13.26 -27.85
CA VAL A 146 -26.01 13.71 -29.09
C VAL A 146 -24.58 14.20 -28.78
N ASN A 147 -24.40 15.02 -27.72
CA ASN A 147 -23.08 15.54 -27.38
C ASN A 147 -22.14 14.41 -26.92
N GLN A 148 -22.69 13.37 -26.22
CA GLN A 148 -21.87 12.21 -25.83
C GLN A 148 -21.33 11.53 -27.10
N VAL A 149 -22.20 11.31 -28.11
CA VAL A 149 -21.76 10.69 -29.35
C VAL A 149 -20.67 11.53 -30.04
N GLU A 150 -20.86 12.86 -30.12
CA GLU A 150 -19.85 13.74 -30.73
C GLU A 150 -18.50 13.64 -30.00
N PHE A 151 -18.55 13.65 -28.67
CA PHE A 151 -17.35 13.55 -27.85
C PHE A 151 -16.64 12.18 -28.07
N LEU A 152 -17.42 11.09 -28.07
CA LEU A 152 -16.86 9.76 -28.26
C LEU A 152 -16.28 9.57 -29.64
N GLU A 153 -16.94 10.13 -30.66
CA GLU A 153 -16.41 10.08 -32.02
C GLU A 153 -15.02 10.78 -32.07
N SER A 154 -14.89 11.96 -31.43
CA SER A 154 -13.62 12.67 -31.40
C SER A 154 -12.55 11.80 -30.72
N LEU A 155 -12.90 11.16 -29.59
CA LEU A 155 -11.98 10.24 -28.90
C LEU A 155 -11.56 9.08 -29.80
N TYR A 156 -12.52 8.43 -30.45
CA TYR A 156 -12.26 7.33 -31.37
C TYR A 156 -11.23 7.74 -32.47
N LEU A 157 -11.37 8.96 -33.00
CA LEU A 157 -10.53 9.50 -34.08
C LEU A 157 -9.24 10.16 -33.59
N ASN A 158 -9.02 10.17 -32.26
CA ASN A 158 -7.87 10.83 -31.62
C ASN A 158 -7.86 12.34 -31.91
N LYS A 159 -9.06 12.92 -32.08
CA LYS A 159 -9.24 14.33 -32.44
C LYS A 159 -9.51 15.23 -31.25
N LEU A 160 -9.54 14.68 -30.01
CA LEU A 160 -9.69 15.53 -28.84
C LEU A 160 -8.42 16.35 -28.64
N SER A 161 -8.53 17.49 -27.95
CA SER A 161 -7.38 18.36 -27.67
C SER A 161 -6.59 17.75 -26.49
N ALA A 162 -5.96 16.61 -26.77
CA ALA A 162 -5.15 15.83 -25.85
C ALA A 162 -4.16 15.02 -26.70
N SER A 163 -3.10 14.48 -26.08
CA SER A 163 -2.15 13.67 -26.84
C SER A 163 -2.82 12.40 -27.39
N LYS A 164 -2.33 11.90 -28.53
CA LYS A 164 -2.87 10.67 -29.11
C LYS A 164 -2.60 9.54 -28.11
N GLU A 165 -1.41 9.54 -27.46
CA GLU A 165 -1.07 8.55 -26.43
C GLU A 165 -2.13 8.48 -25.32
N ASN A 166 -2.52 9.64 -24.74
CA ASN A 166 -3.51 9.67 -23.66
C ASN A 166 -4.90 9.25 -24.13
N GLN A 167 -5.24 9.56 -25.40
CA GLN A 167 -6.52 9.11 -25.92
C GLN A 167 -6.51 7.60 -26.11
N LEU A 168 -5.37 7.04 -26.57
CA LEU A 168 -5.24 5.59 -26.74
C LEU A 168 -5.28 4.84 -25.40
N ILE A 169 -4.67 5.39 -24.35
CA ILE A 169 -4.71 4.78 -23.03
C ILE A 169 -6.18 4.70 -22.53
N VAL A 170 -6.93 5.81 -22.66
CA VAL A 170 -8.31 5.85 -22.17
C VAL A 170 -9.19 4.91 -23.02
N LYS A 171 -8.92 4.83 -24.32
CA LYS A 171 -9.66 3.90 -25.16
C LYS A 171 -9.46 2.42 -24.70
N GLU A 172 -8.21 1.99 -24.46
CA GLU A 172 -8.08 0.59 -24.01
C GLU A 172 -8.79 0.38 -22.66
N ALA A 173 -8.78 1.41 -21.77
CA ALA A 173 -9.46 1.33 -20.47
C ALA A 173 -10.98 1.14 -20.59
N LEU A 174 -11.53 1.53 -21.77
CA LEU A 174 -12.96 1.47 -22.01
C LEU A 174 -13.42 0.19 -22.69
N VAL A 175 -12.51 -0.70 -23.09
CA VAL A 175 -12.91 -1.95 -23.74
C VAL A 175 -13.78 -2.80 -22.76
N THR A 176 -14.98 -3.20 -23.20
CA THR A 176 -15.84 -4.06 -22.37
C THR A 176 -16.19 -5.40 -23.03
N GLU A 177 -15.96 -5.53 -24.34
CA GLU A 177 -16.19 -6.77 -25.06
C GLU A 177 -15.15 -6.87 -26.15
N ALA A 178 -14.50 -8.03 -26.25
CA ALA A 178 -13.50 -8.27 -27.27
C ALA A 178 -13.69 -9.62 -27.92
N ALA A 179 -13.73 -9.62 -29.25
CA ALA A 179 -13.83 -10.83 -30.06
C ALA A 179 -12.99 -10.58 -31.32
N PRO A 180 -12.63 -11.63 -32.09
CA PRO A 180 -11.79 -11.41 -33.30
C PRO A 180 -12.25 -10.32 -34.25
N GLU A 181 -13.56 -10.21 -34.55
CA GLU A 181 -14.02 -9.14 -35.45
C GLU A 181 -15.11 -8.26 -34.84
N TYR A 182 -15.07 -8.10 -33.50
CA TYR A 182 -16.06 -7.30 -32.80
C TYR A 182 -15.41 -6.76 -31.54
N LEU A 183 -15.47 -5.45 -31.37
CA LEU A 183 -14.87 -4.81 -30.20
C LEU A 183 -15.80 -3.72 -29.68
N VAL A 184 -16.06 -3.71 -28.36
CA VAL A 184 -16.95 -2.71 -27.75
C VAL A 184 -16.21 -1.89 -26.74
N HIS A 185 -16.36 -0.55 -26.84
CA HIS A 185 -15.83 0.38 -25.83
C HIS A 185 -17.06 1.00 -25.19
N SER A 186 -17.17 1.01 -23.84
CA SER A 186 -18.39 1.58 -23.24
C SER A 186 -18.22 2.00 -21.83
N LYS A 187 -19.16 2.82 -21.34
CA LYS A 187 -19.16 3.28 -19.95
C LYS A 187 -20.58 3.54 -19.51
N THR A 188 -20.91 3.04 -18.31
CA THR A 188 -22.23 3.28 -17.72
C THR A 188 -22.19 4.54 -16.81
N GLY A 189 -23.38 5.05 -16.50
CA GLY A 189 -23.54 6.15 -15.56
C GLY A 189 -24.85 5.97 -14.81
N PHE A 190 -24.91 6.49 -13.57
CA PHE A 190 -26.13 6.44 -12.79
C PHE A 190 -26.05 7.49 -11.70
N SER A 191 -26.94 8.45 -11.72
CA SER A 191 -26.87 9.54 -10.74
C SER A 191 -27.60 9.25 -9.42
N GLY A 192 -28.27 8.10 -9.34
CA GLY A 192 -29.08 7.75 -8.18
C GLY A 192 -30.54 7.74 -8.58
N VAL A 193 -31.46 7.54 -7.63
CA VAL A 193 -32.88 7.42 -8.02
C VAL A 193 -33.69 8.71 -7.89
N GLY A 194 -33.06 9.80 -7.43
CA GLY A 194 -33.74 11.08 -7.21
C GLY A 194 -35.02 10.92 -6.41
N THR A 195 -36.15 11.36 -6.98
CA THR A 195 -37.51 11.26 -6.44
C THR A 195 -38.47 10.98 -7.61
N GLU A 196 -39.76 10.70 -7.31
CA GLU A 196 -40.79 10.62 -8.35
C GLU A 196 -41.06 12.11 -8.63
N SER A 197 -41.09 12.53 -9.92
CA SER A 197 -41.25 13.93 -10.40
C SER A 197 -39.90 14.59 -10.69
N ASN A 198 -38.85 14.19 -9.95
CA ASN A 198 -37.45 14.61 -10.18
C ASN A 198 -36.55 13.34 -10.19
N PRO A 199 -36.72 12.43 -11.20
CA PRO A 199 -35.93 11.19 -11.23
C PRO A 199 -34.45 11.41 -11.47
N GLY A 200 -33.68 10.37 -11.19
CA GLY A 200 -32.27 10.35 -11.50
C GLY A 200 -32.11 10.02 -12.97
N VAL A 201 -30.86 9.85 -13.40
CA VAL A 201 -30.58 9.49 -14.80
C VAL A 201 -29.62 8.31 -14.82
N ALA A 202 -29.81 7.40 -15.78
CA ALA A 202 -28.86 6.30 -15.99
C ALA A 202 -28.43 6.39 -17.44
N TRP A 203 -27.17 6.10 -17.71
CA TRP A 203 -26.56 6.18 -19.04
C TRP A 203 -25.85 4.89 -19.44
N TRP A 204 -25.69 4.72 -20.74
CA TRP A 204 -24.76 3.77 -21.31
C TRP A 204 -24.27 4.39 -22.60
N VAL A 205 -22.96 4.66 -22.69
CA VAL A 205 -22.41 5.32 -23.88
C VAL A 205 -21.21 4.54 -24.39
N GLY A 206 -20.92 4.63 -25.67
CA GLY A 206 -19.73 3.96 -26.20
C GLY A 206 -19.74 3.83 -27.70
N TRP A 207 -18.98 2.85 -28.20
CA TRP A 207 -18.97 2.58 -29.63
C TRP A 207 -18.67 1.13 -29.88
N VAL A 208 -19.13 0.63 -31.02
CA VAL A 208 -18.94 -0.75 -31.45
C VAL A 208 -18.10 -0.73 -32.75
N GLU A 209 -17.03 -1.54 -32.82
CA GLU A 209 -16.23 -1.71 -34.05
C GLU A 209 -16.52 -3.13 -34.53
N LYS A 210 -17.27 -3.26 -35.64
CA LYS A 210 -17.67 -4.55 -36.16
C LYS A 210 -17.09 -4.63 -37.57
N GLU A 211 -16.18 -5.60 -37.78
CA GLU A 211 -15.48 -5.74 -39.06
C GLU A 211 -14.82 -4.37 -39.37
N THR A 212 -15.13 -3.72 -40.53
CA THR A 212 -14.53 -2.40 -40.81
C THR A 212 -15.50 -1.22 -40.58
N GLU A 213 -16.61 -1.46 -39.86
CA GLU A 213 -17.56 -0.40 -39.56
C GLU A 213 -17.46 0.03 -38.10
N VAL A 214 -17.92 1.27 -37.81
CA VAL A 214 -17.97 1.81 -36.43
C VAL A 214 -19.36 2.38 -36.17
N TYR A 215 -19.89 2.11 -34.98
CA TYR A 215 -21.21 2.60 -34.55
C TYR A 215 -21.06 3.28 -33.22
N PHE A 216 -21.41 4.56 -33.14
CA PHE A 216 -21.33 5.32 -31.88
C PHE A 216 -22.69 5.29 -31.24
N PHE A 217 -22.75 5.19 -29.91
CA PHE A 217 -24.08 5.17 -29.30
C PHE A 217 -24.11 5.88 -27.96
N ALA A 218 -25.28 6.38 -27.58
CA ALA A 218 -25.49 6.99 -26.28
C ALA A 218 -26.92 6.79 -25.88
N PHE A 219 -27.11 6.26 -24.69
CA PHE A 219 -28.41 5.99 -24.12
C PHE A 219 -28.58 6.69 -22.78
N ASN A 220 -29.74 7.26 -22.52
CA ASN A 220 -30.05 7.72 -21.18
C ASN A 220 -31.50 7.47 -20.87
N MET A 221 -31.83 7.45 -19.59
CA MET A 221 -33.22 7.22 -19.20
C MET A 221 -33.46 7.81 -17.85
N ASP A 222 -34.72 8.19 -17.58
CA ASP A 222 -35.11 8.62 -16.24
C ASP A 222 -35.20 7.37 -15.40
N ILE A 223 -34.73 7.44 -14.15
CA ILE A 223 -34.75 6.27 -13.27
C ILE A 223 -35.14 6.70 -11.87
N ASP A 224 -36.18 6.07 -11.32
CA ASP A 224 -36.60 6.35 -9.95
C ASP A 224 -36.64 5.05 -9.13
N ASN A 225 -36.20 3.95 -9.74
CA ASN A 225 -36.21 2.63 -9.14
C ASN A 225 -34.94 1.93 -9.56
N GLU A 226 -34.06 1.63 -8.58
CA GLU A 226 -32.79 0.96 -8.81
C GLU A 226 -32.91 -0.38 -9.53
N SER A 227 -34.07 -1.09 -9.42
CA SER A 227 -34.28 -2.37 -10.10
C SER A 227 -34.33 -2.23 -11.62
N LYS A 228 -34.61 -1.02 -12.13
CA LYS A 228 -34.66 -0.74 -13.58
C LYS A 228 -33.27 -0.49 -14.18
N LEU A 229 -32.24 -0.40 -13.34
CA LEU A 229 -30.87 -0.09 -13.77
C LEU A 229 -30.34 -0.95 -14.94
N PRO A 230 -30.51 -2.30 -14.99
CA PRO A 230 -29.97 -3.07 -16.14
C PRO A 230 -30.55 -2.70 -17.50
N LEU A 231 -31.70 -2.00 -17.55
CA LEU A 231 -32.29 -1.57 -18.81
C LEU A 231 -31.37 -0.60 -19.55
N ARG A 232 -30.41 0.05 -18.83
CA ARG A 232 -29.48 0.98 -19.48
C ARG A 232 -28.61 0.27 -20.49
N LYS A 233 -28.40 -1.06 -20.31
CA LYS A 233 -27.65 -1.86 -21.27
C LYS A 233 -28.58 -2.72 -22.12
N SER A 234 -29.64 -3.28 -21.54
CA SER A 234 -30.50 -4.21 -22.30
C SER A 234 -31.33 -3.54 -23.39
N ILE A 235 -31.84 -2.30 -23.16
CA ILE A 235 -32.61 -1.61 -24.21
C ILE A 235 -31.67 -1.30 -25.40
N PRO A 236 -30.53 -0.60 -25.20
CA PRO A 236 -29.61 -0.39 -26.34
C PRO A 236 -29.13 -1.69 -27.02
N THR A 237 -28.85 -2.74 -26.21
CA THR A 237 -28.43 -4.03 -26.78
C THR A 237 -29.50 -4.61 -27.71
N LYS A 238 -30.78 -4.60 -27.27
CA LYS A 238 -31.89 -5.12 -28.07
C LYS A 238 -32.06 -4.32 -29.36
N ILE A 239 -31.86 -2.99 -29.28
CA ILE A 239 -31.95 -2.15 -30.48
C ILE A 239 -30.79 -2.49 -31.45
N MET A 240 -29.56 -2.56 -30.92
CA MET A 240 -28.42 -2.90 -31.76
C MET A 240 -28.54 -4.32 -32.35
N GLU A 241 -29.18 -5.26 -31.62
CA GLU A 241 -29.45 -6.62 -32.12
C GLU A 241 -30.46 -6.55 -33.28
N SER A 242 -31.54 -5.75 -33.15
CA SER A 242 -32.56 -5.63 -34.21
C SER A 242 -31.98 -4.95 -35.47
N GLU A 243 -30.95 -4.12 -35.27
CA GLU A 243 -30.24 -3.43 -36.35
C GLU A 243 -29.19 -4.31 -37.03
N GLY A 244 -28.95 -5.49 -36.47
CA GLY A 244 -27.99 -6.45 -37.00
C GLY A 244 -26.55 -6.19 -36.61
N ILE A 245 -26.32 -5.23 -35.69
CA ILE A 245 -24.97 -4.91 -35.21
C ILE A 245 -24.55 -6.03 -34.27
N ILE A 246 -25.44 -6.31 -33.26
CA ILE A 246 -25.40 -7.32 -32.19
C ILE A 246 -24.58 -6.83 -31.00
N SER B 3 21.75 -22.72 25.85
CA SER B 3 22.81 -22.96 24.87
C SER B 3 23.50 -21.66 24.41
N ILE B 4 24.82 -21.74 24.16
CA ILE B 4 25.62 -20.59 23.70
C ILE B 4 26.69 -21.07 22.71
N THR B 5 26.78 -20.40 21.55
CA THR B 5 27.79 -20.71 20.53
C THR B 5 28.76 -19.54 20.35
N GLU B 6 29.95 -19.84 19.85
CA GLU B 6 30.95 -18.83 19.56
C GLU B 6 30.98 -18.55 18.08
N ASN B 7 30.96 -17.27 17.72
CA ASN B 7 31.02 -16.81 16.34
C ASN B 7 32.27 -15.93 16.26
N THR B 8 33.37 -16.51 15.79
CA THR B 8 34.68 -15.85 15.72
C THR B 8 34.74 -14.73 14.70
N SER B 9 33.81 -14.71 13.71
CA SER B 9 33.73 -13.66 12.70
C SER B 9 33.40 -12.30 13.33
N TRP B 10 32.73 -12.31 14.51
CA TRP B 10 32.40 -11.06 15.21
C TRP B 10 33.62 -10.31 15.76
N ASN B 11 34.78 -10.98 15.84
CA ASN B 11 36.02 -10.37 16.34
C ASN B 11 36.62 -9.32 15.37
N LYS B 12 36.16 -9.33 14.09
CA LYS B 12 36.56 -8.39 13.05
C LYS B 12 36.26 -6.92 13.43
N GLU B 13 35.15 -6.70 14.11
CA GLU B 13 34.67 -5.39 14.58
C GLU B 13 35.44 -4.88 15.78
N PHE B 14 36.01 -5.83 16.54
CA PHE B 14 36.82 -5.57 17.71
C PHE B 14 38.25 -5.27 17.32
N SER B 15 38.84 -6.12 16.44
CA SER B 15 40.24 -6.03 16.00
C SER B 15 40.58 -4.68 15.35
N ALA B 16 39.63 -4.12 14.61
CA ALA B 16 39.76 -2.87 13.89
C ALA B 16 40.07 -1.69 14.85
N GLU B 17 39.54 -1.75 16.07
CA GLU B 17 39.67 -0.70 17.09
C GLU B 17 40.63 -1.12 18.21
N ALA B 18 41.23 -2.35 18.08
CA ALA B 18 42.08 -3.03 19.06
C ALA B 18 41.35 -3.08 20.42
N VAL B 19 40.07 -3.52 20.39
CA VAL B 19 39.23 -3.58 21.58
C VAL B 19 39.21 -4.98 22.18
N ASN B 20 39.45 -5.09 23.51
CA ASN B 20 39.29 -6.35 24.22
C ASN B 20 37.90 -6.26 24.83
N GLY B 21 37.00 -7.09 24.33
CA GLY B 21 35.64 -7.10 24.82
C GLY B 21 34.81 -8.27 24.38
N VAL B 22 33.54 -8.24 24.77
CA VAL B 22 32.62 -9.34 24.42
C VAL B 22 31.24 -8.79 24.10
N PHE B 23 30.59 -9.46 23.17
CA PHE B 23 29.21 -9.16 22.80
C PHE B 23 28.46 -10.49 22.90
N VAL B 24 27.34 -10.49 23.61
CA VAL B 24 26.45 -11.66 23.73
C VAL B 24 25.11 -11.25 23.11
N LEU B 25 24.63 -12.04 22.12
CA LEU B 25 23.38 -11.74 21.41
C LEU B 25 22.50 -12.96 21.39
N CYS B 26 21.25 -12.84 21.87
CA CYS B 26 20.32 -13.97 21.97
C CYS B 26 19.03 -13.68 21.25
N LYS B 27 18.61 -14.56 20.35
CA LYS B 27 17.36 -14.45 19.64
C LYS B 27 16.29 -15.25 20.40
N SER B 28 15.13 -14.61 20.67
CA SER B 28 13.94 -15.16 21.34
CA SER B 28 13.94 -15.16 21.34
C SER B 28 14.11 -15.41 22.83
N SER B 29 15.25 -16.01 23.25
CA SER B 29 15.47 -16.34 24.67
C SER B 29 16.95 -16.52 24.93
N SER B 30 17.33 -16.62 26.21
CA SER B 30 18.72 -16.85 26.63
C SER B 30 19.18 -18.31 26.38
N LYS B 31 18.32 -19.14 25.76
CA LYS B 31 18.65 -20.52 25.41
C LYS B 31 19.35 -20.57 24.04
N SER B 32 19.22 -19.50 23.23
CA SER B 32 19.78 -19.42 21.87
C SER B 32 20.69 -18.19 21.75
N CYS B 33 21.90 -18.27 22.32
CA CYS B 33 22.85 -17.15 22.31
C CYS B 33 24.06 -17.41 21.46
N ALA B 34 24.69 -16.31 21.00
CA ALA B 34 25.95 -16.38 20.27
C ALA B 34 26.85 -15.27 20.84
N THR B 35 28.16 -15.47 20.79
CA THR B 35 29.13 -14.49 21.33
C THR B 35 30.44 -14.57 20.52
N ASN B 36 31.25 -13.50 20.54
CA ASN B 36 32.57 -13.56 19.88
C ASN B 36 33.57 -14.27 20.80
N ASP B 37 33.31 -14.31 22.13
CA ASP B 37 34.28 -14.84 23.09
C ASP B 37 33.57 -15.52 24.28
N LEU B 38 33.50 -16.87 24.24
CA LEU B 38 32.85 -17.64 25.28
C LEU B 38 33.48 -17.47 26.64
N ALA B 39 34.81 -17.31 26.70
CA ALA B 39 35.49 -17.11 27.99
C ALA B 39 35.10 -15.77 28.63
N ARG B 40 35.15 -14.68 27.86
CA ARG B 40 34.82 -13.38 28.40
C ARG B 40 33.30 -13.22 28.67
N ALA B 41 32.45 -13.94 27.91
CA ALA B 41 30.98 -13.86 28.08
C ALA B 41 30.57 -14.20 29.54
N SER B 42 31.32 -15.11 30.23
CA SER B 42 31.07 -15.50 31.61
C SER B 42 31.85 -14.72 32.65
N LYS B 43 32.83 -13.89 32.22
CA LYS B 43 33.66 -13.13 33.13
C LYS B 43 32.85 -12.00 33.76
N GLU B 44 33.01 -11.80 35.06
CA GLU B 44 32.24 -10.80 35.80
C GLU B 44 32.97 -9.50 36.01
N TYR B 45 32.29 -8.39 35.72
CA TYR B 45 32.83 -7.03 35.83
C TYR B 45 31.91 -6.15 36.63
N LEU B 46 32.45 -5.04 37.17
CA LEU B 46 31.64 -4.03 37.83
C LEU B 46 30.49 -3.65 36.88
N PRO B 47 29.24 -3.60 37.35
CA PRO B 47 28.14 -3.23 36.43
C PRO B 47 28.14 -1.74 36.09
N ALA B 48 28.73 -0.91 36.97
CA ALA B 48 28.73 0.56 36.82
C ALA B 48 27.25 1.00 36.63
N SER B 49 26.96 1.96 35.71
CA SER B 49 25.58 2.49 35.58
C SER B 49 24.55 1.50 35.02
N THR B 50 24.95 0.29 34.55
CA THR B 50 23.94 -0.71 34.18
C THR B 50 23.18 -1.16 35.44
N PHE B 51 23.76 -0.87 36.64
CA PHE B 51 23.12 -1.20 37.91
C PHE B 51 21.88 -0.30 38.14
N ILE B 53 19.34 -0.25 36.41
CA ILE B 53 18.15 -1.05 36.12
C ILE B 53 17.64 -1.78 37.39
N PRO B 54 18.41 -2.71 38.01
CA PRO B 54 17.91 -3.32 39.26
C PRO B 54 17.66 -2.28 40.36
N ASN B 55 18.53 -1.24 40.48
CA ASN B 55 18.37 -0.22 41.52
C ASN B 55 17.00 0.52 41.38
N ALA B 56 16.59 0.86 40.15
CA ALA B 56 15.28 1.49 39.89
C ALA B 56 14.14 0.55 40.28
N ILE B 57 14.24 -0.76 39.90
CA ILE B 57 13.20 -1.75 40.25
C ILE B 57 13.10 -1.85 41.78
N ILE B 58 14.25 -1.98 42.46
CA ILE B 58 14.32 -2.08 43.92
C ILE B 58 13.76 -0.82 44.60
N GLY B 59 14.09 0.37 44.07
CA GLY B 59 13.60 1.61 44.63
C GLY B 59 12.09 1.68 44.57
N LEU B 60 11.49 1.17 43.46
CA LEU B 60 10.03 1.16 43.31
C LEU B 60 9.41 0.11 44.23
N GLU B 61 10.00 -1.10 44.28
CA GLU B 61 9.52 -2.22 45.10
C GLU B 61 9.43 -1.89 46.60
N THR B 62 10.46 -1.18 47.09
CA THR B 62 10.58 -0.81 48.50
C THR B 62 9.78 0.45 48.85
N GLY B 63 9.29 1.17 47.83
CA GLY B 63 8.54 2.40 48.04
C GLY B 63 9.45 3.61 48.20
N VAL B 64 10.78 3.42 48.10
CA VAL B 64 11.75 4.54 48.16
C VAL B 64 11.42 5.50 47.00
N ILE B 65 11.06 4.94 45.80
CA ILE B 65 10.61 5.73 44.66
C ILE B 65 9.08 5.56 44.76
N LYS B 66 8.37 6.68 44.99
CA LYS B 66 6.92 6.69 45.23
C LYS B 66 6.11 6.05 44.13
N ASN B 67 6.36 6.43 42.86
CA ASN B 67 5.68 5.93 41.68
C ASN B 67 6.43 6.33 40.42
N GLU B 68 5.87 6.01 39.24
CA GLU B 68 6.50 6.31 37.96
C GLU B 68 6.71 7.81 37.70
N HIS B 69 5.92 8.70 38.35
CA HIS B 69 5.97 10.13 38.09
C HIS B 69 6.77 10.92 39.11
N GLN B 70 7.51 10.21 39.97
CA GLN B 70 8.36 10.80 41.00
C GLN B 70 9.36 11.75 40.35
N VAL B 71 9.51 12.97 40.89
CA VAL B 71 10.51 13.90 40.38
C VAL B 71 11.65 13.95 41.39
N PHE B 72 12.88 13.82 40.92
CA PHE B 72 14.08 13.90 41.76
C PHE B 72 14.59 15.31 41.62
N LYS B 73 14.36 16.13 42.64
CA LYS B 73 14.68 17.54 42.60
C LYS B 73 16.16 17.80 42.81
N TRP B 74 16.69 18.79 42.10
CA TRP B 74 18.08 19.21 42.26
C TRP B 74 18.08 20.31 43.34
N ASP B 75 18.94 20.18 44.37
CA ASP B 75 18.98 21.17 45.47
C ASP B 75 19.76 22.47 45.16
N GLY B 76 20.24 22.60 43.94
CA GLY B 76 21.00 23.78 43.52
C GLY B 76 22.47 23.73 43.91
N LYS B 77 22.90 22.61 44.52
CA LYS B 77 24.28 22.44 44.99
C LYS B 77 25.09 21.70 43.92
N PRO B 78 26.43 21.91 43.83
CA PRO B 78 27.19 21.32 42.71
C PRO B 78 27.14 19.81 42.56
N ARG B 79 26.98 19.34 41.31
CA ARG B 79 27.05 17.93 40.95
C ARG B 79 28.20 17.73 39.97
N ALA B 80 28.63 16.47 39.77
CA ALA B 80 29.79 16.15 38.93
C ALA B 80 29.61 16.50 37.47
N MET B 81 28.36 16.44 36.97
CA MET B 81 28.03 16.73 35.57
C MET B 81 26.96 17.81 35.51
N LYS B 82 27.16 18.80 34.60
CA LYS B 82 26.18 19.86 34.35
C LYS B 82 24.81 19.27 33.95
N GLN B 83 24.81 18.14 33.22
CA GLN B 83 23.58 17.47 32.79
C GLN B 83 22.74 16.92 33.96
N TRP B 84 23.35 16.81 35.16
CA TRP B 84 22.67 16.32 36.37
C TRP B 84 22.16 17.45 37.24
N GLU B 85 22.53 18.70 36.90
CA GLU B 85 22.13 19.86 37.69
C GLU B 85 20.77 20.38 37.27
N ARG B 86 19.75 19.55 37.46
CA ARG B 86 18.37 19.89 37.13
C ARG B 86 17.45 18.82 37.72
N ASP B 87 16.15 19.12 37.83
CA ASP B 87 15.18 18.15 38.30
C ASP B 87 15.09 17.07 37.21
N LEU B 88 14.91 15.82 37.65
CA LEU B 88 14.85 14.71 36.73
C LEU B 88 13.69 13.79 37.04
N THR B 89 13.10 13.18 36.01
CA THR B 89 12.09 12.13 36.22
C THR B 89 12.86 10.82 36.43
N LEU B 90 12.19 9.70 36.74
CA LEU B 90 12.90 8.43 36.87
C LEU B 90 13.55 8.07 35.53
N ARG B 91 12.79 8.19 34.42
CA ARG B 91 13.34 7.92 33.10
C ARG B 91 14.51 8.86 32.82
N GLY B 92 14.35 10.15 33.13
CA GLY B 92 15.42 11.12 32.92
C GLY B 92 16.69 10.76 33.68
N ALA B 93 16.53 10.39 34.98
CA ALA B 93 17.68 10.05 35.85
C ALA B 93 18.40 8.80 35.30
N ILE B 94 17.65 7.81 34.77
CA ILE B 94 18.27 6.63 34.21
C ILE B 94 18.98 6.99 32.89
N GLN B 95 18.29 7.72 32.01
CA GLN B 95 18.81 8.06 30.67
C GLN B 95 20.06 8.95 30.68
N VAL B 96 20.12 9.95 31.58
CA VAL B 96 21.30 10.82 31.69
C VAL B 96 22.32 10.21 32.67
N SER B 97 21.95 9.03 33.24
CA SER B 97 22.82 8.28 34.16
C SER B 97 23.24 9.13 35.36
N ALA B 98 22.24 9.71 36.05
CA ALA B 98 22.46 10.60 37.18
C ALA B 98 22.87 9.84 38.44
N VAL B 99 24.17 9.56 38.56
CA VAL B 99 24.74 8.81 39.70
C VAL B 99 24.25 9.32 41.06
N PRO B 100 24.23 10.63 41.39
CA PRO B 100 23.82 11.03 42.76
C PRO B 100 22.38 10.68 43.09
N VAL B 101 21.49 10.69 42.10
CA VAL B 101 20.09 10.33 42.32
C VAL B 101 20.02 8.86 42.80
N PHE B 102 20.75 7.97 42.13
CA PHE B 102 20.75 6.54 42.45
C PHE B 102 21.57 6.20 43.69
N GLN B 103 22.57 7.04 44.04
CA GLN B 103 23.30 6.81 45.29
C GLN B 103 22.35 7.07 46.45
N GLN B 104 21.48 8.11 46.33
CA GLN B 104 20.51 8.43 47.37
C GLN B 104 19.43 7.35 47.47
N ILE B 105 18.96 6.82 46.34
CA ILE B 105 17.99 5.70 46.35
C ILE B 105 18.61 4.49 47.07
N ALA B 106 19.88 4.14 46.74
CA ALA B 106 20.56 2.99 47.36
C ALA B 106 20.65 3.18 48.90
N ARG B 107 20.98 4.41 49.36
CA ARG B 107 21.08 4.70 50.80
C ARG B 107 19.76 4.43 51.50
N GLU B 108 18.65 4.82 50.84
CA GLU B 108 17.31 4.67 51.39
C GLU B 108 16.85 3.23 51.36
N VAL B 109 17.23 2.49 50.30
CA VAL B 109 16.93 1.06 50.22
C VAL B 109 17.67 0.35 51.41
N GLY B 110 18.96 0.65 51.59
CA GLY B 110 19.78 0.09 52.64
C GLY B 110 20.31 -1.29 52.29
N GLU B 111 21.33 -1.73 53.04
CA GLU B 111 22.03 -2.99 52.81
C GLU B 111 21.15 -4.24 52.87
N VAL B 112 20.30 -4.40 53.91
CA VAL B 112 19.48 -5.61 54.08
C VAL B 112 18.53 -5.81 52.90
N ARG B 113 17.79 -4.78 52.53
CA ARG B 113 16.85 -4.88 51.42
C ARG B 113 17.60 -5.02 50.09
N MET B 114 18.72 -4.28 49.89
CA MET B 114 19.49 -4.39 48.63
C MET B 114 19.99 -5.82 48.45
N GLN B 115 20.58 -6.41 49.50
CA GLN B 115 21.05 -7.79 49.48
C GLN B 115 19.93 -8.78 49.12
N LYS B 116 18.74 -8.64 49.74
CA LYS B 116 17.59 -9.51 49.52
C LYS B 116 17.17 -9.52 48.04
N TYR B 117 17.06 -8.32 47.44
CA TYR B 117 16.66 -8.22 46.04
C TYR B 117 17.71 -8.71 45.07
N LEU B 118 19.00 -8.48 45.33
CA LEU B 118 20.04 -9.01 44.42
C LEU B 118 20.08 -10.54 44.45
N LYS B 119 19.69 -11.14 45.59
CA LYS B 119 19.55 -12.60 45.69
C LYS B 119 18.35 -13.05 44.85
N LYS B 120 17.22 -12.35 44.99
CA LYS B 120 16.00 -12.65 44.22
C LYS B 120 16.23 -12.55 42.71
N PHE B 121 17.04 -11.54 42.30
CA PHE B 121 17.32 -11.30 40.90
C PHE B 121 18.47 -12.13 40.33
N SER B 122 19.17 -12.93 41.19
CA SER B 122 20.37 -13.69 40.80
C SER B 122 21.34 -12.72 40.08
N TYR B 123 21.61 -11.59 40.74
CA TYR B 123 22.39 -10.52 40.13
C TYR B 123 23.89 -10.64 40.40
N GLY B 124 24.58 -11.25 39.45
CA GLY B 124 26.03 -11.39 39.51
C GLY B 124 26.52 -12.12 40.75
N ASN B 125 27.61 -11.63 41.32
CA ASN B 125 28.20 -12.25 42.52
C ASN B 125 27.45 -11.83 43.80
N GLN B 126 26.45 -10.92 43.66
CA GLN B 126 25.59 -10.41 44.76
C GLN B 126 26.42 -9.82 45.93
N ASN B 127 27.64 -9.36 45.63
CA ASN B 127 28.51 -8.80 46.65
C ASN B 127 28.33 -7.29 46.71
N ILE B 128 27.65 -6.80 47.76
CA ILE B 128 27.40 -5.36 47.84
C ILE B 128 28.35 -4.65 48.84
N SER B 129 29.54 -5.27 49.10
CA SER B 129 30.59 -4.65 49.92
C SER B 129 31.18 -3.46 49.15
N GLY B 130 31.70 -2.47 49.87
CA GLY B 130 32.34 -1.29 49.29
C GLY B 130 31.61 0.01 49.53
N GLY B 131 30.56 -0.04 50.37
CA GLY B 131 29.72 1.10 50.71
C GLY B 131 28.40 1.03 49.99
N ILE B 132 27.28 1.30 50.69
CA ILE B 132 25.92 1.20 50.14
C ILE B 132 25.69 2.09 48.90
N ASP B 133 26.41 3.22 48.81
CA ASP B 133 26.24 4.14 47.68
C ASP B 133 27.36 4.04 46.64
N LYS B 134 28.20 3.01 46.70
CA LYS B 134 29.36 2.88 45.80
C LYS B 134 29.63 1.46 45.32
N PHE B 135 28.92 0.44 45.86
CA PHE B 135 29.30 -0.96 45.57
C PHE B 135 29.30 -1.32 44.09
N TRP B 136 28.43 -0.69 43.30
CA TRP B 136 28.35 -0.99 41.86
C TRP B 136 29.28 -0.16 41.00
N LEU B 137 29.96 0.83 41.62
CA LEU B 137 30.85 1.78 40.92
C LEU B 137 32.30 1.48 41.17
N GLU B 138 32.63 1.16 42.43
CA GLU B 138 34.02 0.88 42.79
C GLU B 138 34.17 -0.20 43.85
N GLY B 139 33.05 -0.85 44.17
CA GLY B 139 33.01 -1.90 45.19
C GLY B 139 33.26 -3.28 44.64
N GLN B 140 32.69 -4.28 45.32
CA GLN B 140 32.93 -5.69 45.04
C GLN B 140 31.90 -6.37 44.14
N LEU B 141 30.86 -5.64 43.72
CA LEU B 141 29.81 -6.23 42.86
C LEU B 141 30.34 -6.49 41.46
N ARG B 142 30.07 -7.70 40.94
CA ARG B 142 30.50 -8.09 39.60
C ARG B 142 29.39 -8.86 38.92
N ILE B 143 29.23 -8.67 37.60
CA ILE B 143 28.23 -9.38 36.80
C ILE B 143 28.78 -9.64 35.38
N SER B 144 28.44 -10.80 34.81
CA SER B 144 28.87 -11.14 33.45
C SER B 144 27.86 -10.68 32.39
N ALA B 145 28.29 -10.71 31.11
CA ALA B 145 27.41 -10.34 29.97
C ALA B 145 26.29 -11.37 29.88
N VAL B 146 26.62 -12.66 30.10
CA VAL B 146 25.60 -13.72 30.08
C VAL B 146 24.53 -13.45 31.17
N ASN B 147 24.98 -13.13 32.41
CA ASN B 147 24.05 -12.85 33.50
C ASN B 147 23.21 -11.58 33.23
N GLN B 148 23.80 -10.57 32.54
CA GLN B 148 23.03 -9.37 32.16
C GLN B 148 21.88 -9.78 31.22
N VAL B 149 22.17 -10.62 30.21
CA VAL B 149 21.13 -11.10 29.27
C VAL B 149 20.03 -11.88 30.02
N GLU B 150 20.44 -12.78 30.96
CA GLU B 150 19.44 -13.53 31.72
C GLU B 150 18.54 -12.59 32.54
N PHE B 151 19.14 -11.59 33.17
CA PHE B 151 18.41 -10.63 33.99
C PHE B 151 17.44 -9.80 33.14
N LEU B 152 17.94 -9.32 31.97
CA LEU B 152 17.13 -8.52 31.05
C LEU B 152 15.98 -9.33 30.46
N GLU B 153 16.23 -10.59 30.13
CA GLU B 153 15.18 -11.47 29.64
C GLU B 153 14.07 -11.59 30.70
N SER B 154 14.45 -11.80 31.98
CA SER B 154 13.47 -11.90 33.08
C SER B 154 12.65 -10.61 33.16
N LEU B 155 13.33 -9.44 33.07
CA LEU B 155 12.63 -8.16 33.08
C LEU B 155 11.65 -8.04 31.91
N TYR B 156 12.12 -8.36 30.68
CA TYR B 156 11.28 -8.34 29.49
C TYR B 156 9.98 -9.18 29.68
N LEU B 157 10.11 -10.37 30.28
CA LEU B 157 9.01 -11.31 30.52
C LEU B 157 8.19 -11.02 31.77
N ASN B 158 8.55 -9.97 32.55
CA ASN B 158 7.95 -9.60 33.83
C ASN B 158 8.11 -10.73 34.87
N LYS B 159 9.20 -11.52 34.74
CA LYS B 159 9.45 -12.67 35.60
C LYS B 159 10.36 -12.38 36.78
N LEU B 160 10.82 -11.12 36.95
CA LEU B 160 11.62 -10.80 38.13
C LEU B 160 10.72 -10.83 39.37
N SER B 161 11.32 -11.01 40.56
CA SER B 161 10.60 -11.03 41.83
C SER B 161 10.29 -9.59 42.24
N ALA B 162 9.36 -8.98 41.49
CA ALA B 162 8.92 -7.61 41.66
C ALA B 162 7.56 -7.52 40.99
N SER B 163 6.76 -6.50 41.32
CA SER B 163 5.45 -6.36 40.70
C SER B 163 5.57 -6.17 39.19
N LYS B 164 4.56 -6.65 38.43
CA LYS B 164 4.56 -6.47 36.97
C LYS B 164 4.54 -4.96 36.70
N GLU B 165 3.78 -4.18 37.52
CA GLU B 165 3.70 -2.72 37.39
C GLU B 165 5.10 -2.05 37.44
N ASN B 166 5.90 -2.41 38.45
CA ASN B 166 7.22 -1.83 38.61
C ASN B 166 8.18 -2.24 37.49
N GLN B 167 7.99 -3.45 36.98
CA GLN B 167 8.79 -3.94 35.88
C GLN B 167 8.43 -3.16 34.60
N LEU B 168 7.12 -2.93 34.40
CA LEU B 168 6.68 -2.14 33.24
C LEU B 168 7.15 -0.68 33.29
N ILE B 169 7.14 -0.08 34.50
CA ILE B 169 7.61 1.31 34.65
C ILE B 169 9.12 1.41 34.24
N VAL B 170 9.93 0.49 34.75
CA VAL B 170 11.38 0.50 34.44
C VAL B 170 11.62 0.21 32.96
N LYS B 171 10.83 -0.69 32.37
CA LYS B 171 10.96 -0.94 30.94
C LYS B 171 10.69 0.33 30.09
N GLU B 172 9.61 1.08 30.37
CA GLU B 172 9.42 2.30 29.56
C GLU B 172 10.57 3.31 29.77
N ALA B 173 11.12 3.36 31.00
CA ALA B 173 12.25 4.24 31.31
C ALA B 173 13.53 3.88 30.51
N LEU B 174 13.61 2.64 30.04
CA LEU B 174 14.75 2.14 29.28
C LEU B 174 14.61 2.30 27.75
N VAL B 175 13.44 2.76 27.24
CA VAL B 175 13.31 2.90 25.78
C VAL B 175 14.31 3.96 25.28
N THR B 176 15.11 3.60 24.25
CA THR B 176 16.07 4.55 23.66
C THR B 176 15.87 4.78 22.19
N GLU B 177 15.10 3.91 21.53
CA GLU B 177 14.77 4.06 20.09
C GLU B 177 13.38 3.53 19.86
N ALA B 178 12.52 4.34 19.21
CA ALA B 178 11.17 3.92 18.94
C ALA B 178 10.83 4.17 17.48
N ALA B 179 10.30 3.15 16.81
CA ALA B 179 9.86 3.25 15.43
C ALA B 179 8.61 2.37 15.29
N PRO B 180 7.81 2.50 14.21
CA PRO B 180 6.61 1.67 14.06
C PRO B 180 6.80 0.15 14.24
N GLU B 181 7.89 -0.44 13.69
CA GLU B 181 8.09 -1.89 13.89
C GLU B 181 9.44 -2.24 14.49
N TYR B 182 9.99 -1.31 15.32
CA TYR B 182 11.29 -1.51 15.91
C TYR B 182 11.34 -0.71 17.21
N LEU B 183 11.71 -1.38 18.30
CA LEU B 183 11.79 -0.73 19.59
C LEU B 183 13.04 -1.21 20.31
N VAL B 184 13.84 -0.26 20.86
CA VAL B 184 15.06 -0.62 21.59
C VAL B 184 14.99 -0.17 23.01
N HIS B 185 15.35 -1.07 23.94
CA HIS B 185 15.48 -0.74 25.37
C HIS B 185 16.96 -0.92 25.67
N SER B 186 17.63 0.06 26.29
CA SER B 186 19.07 -0.14 26.54
C SER B 186 19.58 0.74 27.65
N LYS B 187 20.77 0.40 28.14
CA LYS B 187 21.45 1.16 29.19
C LYS B 187 22.95 1.03 29.02
N THR B 188 23.64 2.16 29.11
CA THR B 188 25.10 2.14 29.05
C THR B 188 25.70 2.09 30.48
N GLY B 189 26.98 1.72 30.54
CA GLY B 189 27.71 1.74 31.80
C GLY B 189 29.15 2.08 31.51
N PHE B 190 29.84 2.68 32.48
CA PHE B 190 31.25 3.02 32.33
C PHE B 190 31.81 3.23 33.72
N SER B 191 32.79 2.41 34.10
CA SER B 191 33.34 2.50 35.45
C SER B 191 34.46 3.53 35.61
N GLY B 192 34.93 4.11 34.50
CA GLY B 192 36.09 5.00 34.50
C GLY B 192 37.20 4.37 33.67
N VAL B 193 38.37 5.03 33.59
CA VAL B 193 39.45 4.53 32.72
C VAL B 193 40.46 3.65 33.45
N GLY B 194 40.32 3.53 34.77
CA GLY B 194 41.24 2.74 35.59
C GLY B 194 42.67 3.14 35.26
N THR B 195 43.49 2.17 34.82
CA THR B 195 44.86 2.38 34.34
C THR B 195 45.06 1.47 33.09
N GLU B 196 46.22 1.56 32.42
CA GLU B 196 46.52 0.69 31.28
C GLU B 196 46.60 -0.78 31.76
N SER B 197 47.25 -1.02 32.92
CA SER B 197 47.40 -2.36 33.50
C SER B 197 46.09 -2.90 34.11
N ASN B 198 45.25 -2.01 34.68
CA ASN B 198 43.97 -2.39 35.31
C ASN B 198 42.87 -1.48 34.74
N PRO B 199 42.49 -1.71 33.46
CA PRO B 199 41.49 -0.83 32.82
C PRO B 199 40.11 -0.89 33.45
N GLY B 200 39.34 0.13 33.13
CA GLY B 200 37.95 0.21 33.53
C GLY B 200 37.14 -0.67 32.60
N VAL B 201 35.83 -0.63 32.78
CA VAL B 201 34.92 -1.39 31.93
C VAL B 201 33.84 -0.45 31.40
N ALA B 202 33.40 -0.67 30.15
CA ALA B 202 32.29 0.06 29.55
C ALA B 202 31.30 -1.00 29.07
N TRP B 203 30.01 -0.73 29.27
CA TRP B 203 28.92 -1.64 28.92
C TRP B 203 27.89 -0.99 28.02
N TRP B 204 27.14 -1.83 27.31
CA TRP B 204 25.92 -1.50 26.66
C TRP B 204 25.06 -2.73 26.71
N VAL B 205 23.91 -2.65 27.38
CA VAL B 205 23.03 -3.82 27.52
C VAL B 205 21.61 -3.44 27.16
N GLY B 206 20.82 -4.42 26.74
CA GLY B 206 19.42 -4.15 26.45
C GLY B 206 18.77 -5.20 25.60
N TRP B 207 17.70 -4.80 24.88
CA TRP B 207 17.05 -5.73 23.98
C TRP B 207 16.41 -4.96 22.83
N VAL B 208 16.23 -5.65 21.71
CA VAL B 208 15.64 -5.07 20.50
C VAL B 208 14.37 -5.87 20.16
N GLU B 209 13.25 -5.18 19.92
CA GLU B 209 12.03 -5.85 19.48
C GLU B 209 11.85 -5.42 18.03
N LYS B 210 11.94 -6.39 17.11
CA LYS B 210 11.82 -6.09 15.69
C LYS B 210 10.71 -6.98 15.17
N GLU B 211 9.64 -6.34 14.66
CA GLU B 211 8.46 -7.06 14.21
C GLU B 211 8.00 -7.99 15.37
N THR B 212 7.89 -9.33 15.19
CA THR B 212 7.50 -10.21 16.29
C THR B 212 8.65 -10.95 16.96
N GLU B 213 9.89 -10.51 16.71
CA GLU B 213 11.06 -11.14 17.31
C GLU B 213 11.65 -10.26 18.40
N VAL B 214 12.39 -10.87 19.32
CA VAL B 214 13.10 -10.14 20.39
C VAL B 214 14.54 -10.64 20.41
N TYR B 215 15.50 -9.72 20.57
CA TYR B 215 16.93 -10.01 20.65
C TYR B 215 17.47 -9.38 21.91
N PHE B 216 18.06 -10.18 22.80
CA PHE B 216 18.66 -9.66 24.04
C PHE B 216 20.14 -9.48 23.79
N PHE B 217 20.74 -8.43 24.34
CA PHE B 217 22.16 -8.26 24.10
C PHE B 217 22.89 -7.68 25.30
N ALA B 218 24.18 -7.99 25.40
CA ALA B 218 25.02 -7.40 26.44
C ALA B 218 26.42 -7.31 25.88
N PHE B 219 27.02 -6.14 26.00
CA PHE B 219 28.35 -5.85 25.53
C PHE B 219 29.18 -5.27 26.65
N ASN B 220 30.45 -5.69 26.75
CA ASN B 220 31.37 -4.99 27.64
C ASN B 220 32.74 -4.96 26.99
N MET B 221 33.55 -3.99 27.41
CA MET B 221 34.91 -3.88 26.87
C MET B 221 35.83 -3.28 27.93
N ASP B 222 37.13 -3.57 27.84
CA ASP B 222 38.13 -2.94 28.68
C ASP B 222 38.32 -1.55 28.10
N ILE B 223 38.42 -0.54 28.97
CA ILE B 223 38.61 0.84 28.52
C ILE B 223 39.61 1.56 29.38
N ASP B 224 40.64 2.13 28.75
CA ASP B 224 41.63 2.92 29.53
C ASP B 224 41.74 4.35 28.97
N ASN B 225 40.84 4.68 28.02
CA ASN B 225 40.88 5.96 27.34
C ASN B 225 39.43 6.34 27.04
N GLU B 226 38.96 7.46 27.62
CA GLU B 226 37.61 7.97 27.44
C GLU B 226 37.22 8.18 25.97
N SER B 227 38.19 8.43 25.05
CA SER B 227 37.89 8.60 23.62
C SER B 227 37.38 7.31 22.96
N LYS B 228 37.65 6.13 23.58
CA LYS B 228 37.15 4.85 23.07
C LYS B 228 35.68 4.56 23.49
N LEU B 229 35.09 5.40 24.36
CA LEU B 229 33.76 5.20 24.91
C LEU B 229 32.67 4.92 23.87
N PRO B 230 32.56 5.63 22.72
CA PRO B 230 31.43 5.31 21.81
C PRO B 230 31.47 3.90 21.21
N LEU B 231 32.61 3.20 21.30
CA LEU B 231 32.71 1.83 20.75
C LEU B 231 31.77 0.88 21.49
N ARG B 232 31.35 1.26 22.75
CA ARG B 232 30.41 0.41 23.51
C ARG B 232 29.08 0.30 22.80
N LYS B 233 28.71 1.29 21.94
CA LYS B 233 27.49 1.22 21.15
C LYS B 233 27.81 0.86 19.70
N SER B 234 28.90 1.38 19.12
CA SER B 234 29.12 1.18 17.69
C SER B 234 29.54 -0.24 17.35
N ILE B 235 30.32 -0.94 18.22
CA ILE B 235 30.68 -2.32 17.93
C ILE B 235 29.41 -3.20 17.96
N PRO B 236 28.60 -3.22 19.07
CA PRO B 236 27.35 -4.01 19.04
C PRO B 236 26.39 -3.61 17.89
N THR B 237 26.29 -2.30 17.58
CA THR B 237 25.43 -1.85 16.47
C THR B 237 25.89 -2.46 15.14
N LYS B 238 27.19 -2.40 14.85
CA LYS B 238 27.75 -2.97 13.60
C LYS B 238 27.49 -4.48 13.52
N ILE B 239 27.60 -5.18 14.67
CA ILE B 239 27.33 -6.63 14.72
C ILE B 239 25.85 -6.88 14.43
N MET B 240 24.97 -6.15 15.12
CA MET B 240 23.53 -6.32 14.89
C MET B 240 23.11 -5.92 13.46
N GLU B 241 23.82 -4.97 12.83
CA GLU B 241 23.58 -4.60 11.42
C GLU B 241 24.00 -5.75 10.51
N SER B 242 25.17 -6.39 10.77
CA SER B 242 25.65 -7.52 9.94
C SER B 242 24.74 -8.76 10.09
N GLU B 243 24.05 -8.86 11.24
CA GLU B 243 23.11 -9.94 11.53
C GLU B 243 21.70 -9.67 10.93
N GLY B 244 21.51 -8.48 10.38
CA GLY B 244 20.25 -8.09 9.77
C GLY B 244 19.20 -7.58 10.73
N ILE B 245 19.57 -7.38 12.00
CA ILE B 245 18.64 -6.88 13.01
C ILE B 245 18.44 -5.37 12.80
N ILE B 246 19.53 -4.57 12.88
CA ILE B 246 19.43 -3.11 12.70
C ILE B 246 19.30 -2.74 11.21
N SER C 3 15.50 -14.87 -10.96
CA SER C 3 15.99 -15.75 -12.03
C SER C 3 14.89 -16.73 -12.45
N ILE C 4 15.08 -17.44 -13.58
CA ILE C 4 14.08 -18.41 -14.06
C ILE C 4 14.18 -19.70 -13.24
N THR C 5 13.04 -20.17 -12.73
CA THR C 5 12.99 -21.39 -11.94
C THR C 5 12.20 -22.48 -12.67
N GLU C 6 12.47 -23.74 -12.36
CA GLU C 6 11.77 -24.84 -12.97
C GLU C 6 10.67 -25.34 -12.03
N ASN C 7 9.49 -25.56 -12.62
CA ASN C 7 8.33 -26.11 -11.94
C ASN C 7 7.95 -27.36 -12.72
N THR C 8 8.59 -28.48 -12.39
CA THR C 8 8.38 -29.76 -13.08
C THR C 8 7.00 -30.36 -12.76
N SER C 9 6.29 -29.85 -11.73
CA SER C 9 4.91 -30.31 -11.43
C SER C 9 3.96 -29.91 -12.56
N TRP C 10 4.38 -28.98 -13.44
CA TRP C 10 3.54 -28.63 -14.58
C TRP C 10 3.59 -29.67 -15.69
N ASN C 11 4.59 -30.56 -15.71
CA ASN C 11 4.72 -31.55 -16.79
C ASN C 11 3.51 -32.48 -16.96
N LYS C 12 2.78 -32.77 -15.88
CA LYS C 12 1.57 -33.62 -15.96
C LYS C 12 0.51 -33.06 -16.94
N GLU C 13 0.44 -31.70 -17.12
CA GLU C 13 -0.50 -31.09 -18.09
C GLU C 13 -0.10 -31.38 -19.53
N PHE C 14 1.18 -31.62 -19.78
CA PHE C 14 1.67 -31.94 -21.13
C PHE C 14 1.53 -33.45 -21.38
N SER C 15 2.04 -34.30 -20.43
CA SER C 15 2.01 -35.75 -20.60
C SER C 15 0.58 -36.30 -20.72
N ALA C 16 -0.40 -35.70 -19.99
CA ALA C 16 -1.81 -36.09 -20.05
C ALA C 16 -2.34 -36.08 -21.49
N GLU C 17 -1.76 -35.20 -22.32
CA GLU C 17 -2.16 -35.05 -23.72
C GLU C 17 -1.10 -35.58 -24.68
N ALA C 18 -0.05 -36.24 -24.16
CA ALA C 18 1.08 -36.79 -24.93
C ALA C 18 1.76 -35.71 -25.79
N VAL C 19 1.88 -34.50 -25.24
CA VAL C 19 2.55 -33.51 -26.04
C VAL C 19 3.85 -33.09 -25.40
N ASN C 20 4.74 -32.64 -26.26
CA ASN C 20 6.04 -32.08 -25.91
C ASN C 20 5.94 -30.55 -26.07
N GLY C 21 6.19 -29.84 -24.99
CA GLY C 21 6.12 -28.39 -25.05
C GLY C 21 6.69 -27.67 -23.84
N VAL C 22 6.54 -26.35 -23.85
CA VAL C 22 7.02 -25.53 -22.73
C VAL C 22 6.06 -24.38 -22.46
N PHE C 23 5.97 -24.02 -21.20
CA PHE C 23 5.21 -22.86 -20.77
C PHE C 23 6.13 -22.05 -19.89
N VAL C 24 6.19 -20.74 -20.15
CA VAL C 24 6.98 -19.78 -19.36
C VAL C 24 5.97 -18.78 -18.81
N LEU C 25 5.98 -18.58 -17.49
CA LEU C 25 5.02 -17.69 -16.82
C LEU C 25 5.79 -16.80 -15.87
N CYS C 26 5.59 -15.49 -16.01
CA CYS C 26 6.32 -14.49 -15.19
C CYS C 26 5.38 -13.57 -14.50
N LYS C 27 5.52 -13.42 -13.19
CA LYS C 27 4.71 -12.50 -12.40
C LYS C 27 5.47 -11.18 -12.27
N SER C 28 4.80 -10.04 -12.59
CA SER C 28 5.31 -8.65 -12.50
C SER C 28 6.36 -8.27 -13.54
N SER C 29 7.35 -9.14 -13.78
CA SER C 29 8.44 -8.85 -14.70
C SER C 29 9.12 -10.13 -15.15
N SER C 30 9.96 -10.04 -16.18
CA SER C 30 10.70 -11.19 -16.72
C SER C 30 11.87 -11.60 -15.78
N LYS C 31 12.00 -10.95 -14.62
CA LYS C 31 13.04 -11.30 -13.63
C LYS C 31 12.52 -12.43 -12.72
N SER C 32 11.19 -12.65 -12.69
CA SER C 32 10.55 -13.65 -11.84
C SER C 32 9.75 -14.64 -12.69
N CYS C 33 10.44 -15.54 -13.42
CA CYS C 33 9.79 -16.50 -14.32
C CYS C 33 9.87 -17.90 -13.82
N ALA C 34 8.90 -18.73 -14.21
CA ALA C 34 8.88 -20.15 -13.89
C ALA C 34 8.52 -20.88 -15.18
N THR C 35 9.05 -22.11 -15.35
CA THR C 35 8.78 -22.90 -16.56
C THR C 35 8.75 -24.37 -16.19
N ASN C 36 8.11 -25.21 -17.03
CA ASN C 36 8.10 -26.63 -16.73
C ASN C 36 9.41 -27.26 -17.19
N ASP C 37 10.13 -26.62 -18.12
CA ASP C 37 11.31 -27.21 -18.74
C ASP C 37 12.33 -26.10 -19.09
N LEU C 38 13.39 -25.99 -18.27
CA LEU C 38 14.42 -24.97 -18.45
C LEU C 38 15.12 -25.11 -19.79
N ALA C 39 15.35 -26.33 -20.27
CA ALA C 39 16.03 -26.54 -21.56
C ALA C 39 15.15 -26.03 -22.73
N ARG C 40 13.87 -26.42 -22.75
CA ARG C 40 13.00 -26.01 -23.86
C ARG C 40 12.64 -24.52 -23.79
N ALA C 41 12.63 -23.92 -22.58
CA ALA C 41 12.29 -22.49 -22.43
C ALA C 41 13.22 -21.60 -23.26
N SER C 42 14.53 -21.99 -23.39
CA SER C 42 15.51 -21.26 -24.17
C SER C 42 15.66 -21.73 -25.63
N LYS C 43 15.01 -22.85 -26.01
CA LYS C 43 15.07 -23.39 -27.38
C LYS C 43 14.28 -22.49 -28.31
N GLU C 44 14.83 -22.24 -29.50
CA GLU C 44 14.20 -21.33 -30.43
C GLU C 44 13.42 -22.02 -31.53
N TYR C 45 12.17 -21.54 -31.79
CA TYR C 45 11.28 -22.10 -32.79
C TYR C 45 10.75 -21.02 -33.72
N LEU C 46 10.29 -21.43 -34.92
CA LEU C 46 9.64 -20.51 -35.87
C LEU C 46 8.53 -19.77 -35.09
N PRO C 47 8.45 -18.44 -35.19
CA PRO C 47 7.40 -17.72 -34.45
C PRO C 47 6.01 -17.90 -35.05
N ALA C 48 5.95 -18.25 -36.37
CA ALA C 48 4.67 -18.36 -37.08
C ALA C 48 3.87 -17.05 -36.86
N SER C 49 2.53 -17.10 -36.65
CA SER C 49 1.71 -15.89 -36.54
C SER C 49 1.99 -15.02 -35.30
N THR C 50 2.79 -15.50 -34.31
CA THR C 50 3.17 -14.60 -33.21
C THR C 50 4.03 -13.46 -33.76
N PHE C 51 4.60 -13.65 -34.98
CA PHE C 51 5.41 -12.63 -35.63
C PHE C 51 4.55 -11.44 -36.05
N LYS C 52 3.22 -11.61 -36.10
CA LYS C 52 2.34 -10.47 -36.46
C LYS C 52 2.49 -9.32 -35.46
N ILE C 53 2.95 -9.59 -34.23
CA ILE C 53 3.13 -8.51 -33.25
C ILE C 53 4.28 -7.59 -33.68
N PRO C 54 5.56 -8.06 -33.79
CA PRO C 54 6.61 -7.15 -34.28
C PRO C 54 6.34 -6.64 -35.70
N ASN C 55 5.76 -7.48 -36.59
CA ASN C 55 5.47 -7.09 -37.98
C ASN C 55 4.50 -5.88 -38.00
N ALA C 56 3.45 -5.91 -37.16
CA ALA C 56 2.49 -4.78 -37.07
C ALA C 56 3.20 -3.51 -36.54
N ILE C 57 4.05 -3.65 -35.48
CA ILE C 57 4.78 -2.49 -34.93
C ILE C 57 5.69 -1.90 -36.02
N ILE C 58 6.43 -2.76 -36.73
CA ILE C 58 7.35 -2.36 -37.79
C ILE C 58 6.59 -1.70 -38.96
N GLY C 59 5.43 -2.27 -39.33
CA GLY C 59 4.59 -1.70 -40.37
C GLY C 59 4.16 -0.28 -40.03
N LEU C 60 3.80 -0.03 -38.73
CA LEU C 60 3.41 1.31 -38.28
C LEU C 60 4.60 2.26 -38.23
N GLU C 61 5.73 1.81 -37.68
CA GLU C 61 6.97 2.58 -37.56
C GLU C 61 7.49 3.08 -38.91
N THR C 62 7.46 2.21 -39.93
CA THR C 62 7.97 2.51 -41.28
C THR C 62 6.95 3.30 -42.13
N GLY C 63 5.71 3.39 -41.66
CA GLY C 63 4.65 4.09 -42.39
C GLY C 63 3.97 3.20 -43.40
N VAL C 64 4.37 1.92 -43.51
CA VAL C 64 3.73 0.94 -44.41
C VAL C 64 2.24 0.83 -44.01
N ILE C 65 1.98 0.82 -42.69
CA ILE C 65 0.61 0.88 -42.14
C ILE C 65 0.44 2.36 -41.78
N LYS C 66 -0.48 3.05 -42.47
CA LYS C 66 -0.67 4.50 -42.34
C LYS C 66 -0.95 4.97 -40.94
N ASN C 67 -1.91 4.34 -40.26
CA ASN C 67 -2.34 4.68 -38.90
C ASN C 67 -3.18 3.54 -38.30
N GLU C 68 -3.72 3.74 -37.10
CA GLU C 68 -4.53 2.72 -36.42
C GLU C 68 -5.82 2.34 -37.15
N HIS C 69 -6.36 3.25 -38.00
CA HIS C 69 -7.63 2.98 -38.68
C HIS C 69 -7.47 2.51 -40.14
N GLN C 70 -6.26 2.09 -40.50
CA GLN C 70 -5.92 1.57 -41.83
C GLN C 70 -6.81 0.37 -42.12
N VAL C 71 -7.42 0.34 -43.32
CA VAL C 71 -8.22 -0.80 -43.75
C VAL C 71 -7.39 -1.54 -44.80
N PHE C 72 -7.27 -2.86 -44.64
CA PHE C 72 -6.55 -3.72 -45.59
C PHE C 72 -7.62 -4.31 -46.48
N LYS C 73 -7.72 -3.80 -47.72
CA LYS C 73 -8.74 -4.22 -48.68
C LYS C 73 -8.49 -5.60 -49.29
N TRP C 74 -9.57 -6.39 -49.48
CA TRP C 74 -9.50 -7.72 -50.12
C TRP C 74 -9.66 -7.51 -51.61
N ASP C 75 -8.74 -8.06 -52.42
CA ASP C 75 -8.73 -7.95 -53.90
C ASP C 75 -9.72 -8.88 -54.63
N GLY C 76 -10.51 -9.65 -53.86
CA GLY C 76 -11.50 -10.57 -54.43
C GLY C 76 -10.91 -11.88 -54.91
N LYS C 77 -9.59 -12.09 -54.69
CA LYS C 77 -8.87 -13.30 -55.11
C LYS C 77 -8.90 -14.35 -53.99
N PRO C 78 -8.92 -15.67 -54.29
CA PRO C 78 -9.04 -16.67 -53.21
C PRO C 78 -7.99 -16.64 -52.12
N ARG C 79 -8.44 -16.76 -50.88
CA ARG C 79 -7.58 -16.86 -49.70
C ARG C 79 -7.90 -18.19 -49.01
N ALA C 80 -6.97 -18.68 -48.18
CA ALA C 80 -7.11 -19.97 -47.49
C ALA C 80 -8.28 -20.09 -46.54
N MET C 81 -8.68 -18.97 -45.93
CA MET C 81 -9.77 -18.93 -44.97
C MET C 81 -10.83 -17.93 -45.41
N LYS C 82 -12.11 -18.34 -45.30
CA LYS C 82 -13.29 -17.52 -45.62
C LYS C 82 -13.24 -16.21 -44.80
N GLN C 83 -12.83 -16.29 -43.51
CA GLN C 83 -12.67 -15.14 -42.60
C GLN C 83 -11.67 -14.08 -43.13
N TRP C 84 -10.75 -14.47 -44.03
CA TRP C 84 -9.76 -13.55 -44.60
C TRP C 84 -10.26 -12.90 -45.88
N GLU C 85 -11.37 -13.41 -46.45
CA GLU C 85 -11.89 -12.90 -47.73
C GLU C 85 -12.83 -11.73 -47.53
N ARG C 86 -12.26 -10.65 -46.99
CA ARG C 86 -13.00 -9.43 -46.71
C ARG C 86 -11.99 -8.35 -46.33
N ASP C 87 -12.43 -7.09 -46.34
CA ASP C 87 -11.59 -6.00 -45.90
C ASP C 87 -11.40 -6.18 -44.39
N LEU C 88 -10.19 -5.90 -43.90
CA LEU C 88 -9.89 -6.08 -42.48
C LEU C 88 -9.28 -4.86 -41.87
N THR C 89 -9.53 -4.63 -40.57
CA THR C 89 -8.85 -3.56 -39.86
C THR C 89 -7.50 -4.16 -39.38
N LEU C 90 -6.65 -3.36 -38.74
CA LEU C 90 -5.39 -3.89 -38.23
C LEU C 90 -5.68 -4.92 -37.13
N ARG C 91 -6.59 -4.58 -36.22
CA ARG C 91 -6.98 -5.52 -35.17
C ARG C 91 -7.58 -6.79 -35.80
N GLY C 92 -8.46 -6.62 -36.77
CA GLY C 92 -9.09 -7.73 -37.47
C GLY C 92 -8.07 -8.65 -38.10
N ALA C 93 -7.08 -8.08 -38.84
CA ALA C 93 -6.04 -8.85 -39.52
C ALA C 93 -5.18 -9.64 -38.50
N ILE C 94 -4.91 -9.04 -37.33
CA ILE C 94 -4.12 -9.73 -36.30
C ILE C 94 -4.96 -10.85 -35.66
N GLN C 95 -6.21 -10.53 -35.26
CA GLN C 95 -7.10 -11.47 -34.57
C GLN C 95 -7.51 -12.68 -35.38
N VAL C 96 -7.77 -12.49 -36.68
CA VAL C 96 -8.16 -13.62 -37.54
C VAL C 96 -6.91 -14.28 -38.10
N SER C 97 -5.72 -13.70 -37.79
CA SER C 97 -4.43 -14.19 -38.21
C SER C 97 -4.36 -14.28 -39.74
N ALA C 98 -4.75 -13.18 -40.42
CA ALA C 98 -4.78 -13.14 -41.91
C ALA C 98 -3.38 -13.06 -42.56
N VAL C 99 -2.75 -14.25 -42.73
CA VAL C 99 -1.40 -14.43 -43.31
C VAL C 99 -1.12 -13.52 -44.54
N PRO C 100 -1.99 -13.49 -45.57
CA PRO C 100 -1.67 -12.68 -46.77
C PRO C 100 -1.52 -11.17 -46.55
N VAL C 101 -2.25 -10.62 -45.57
CA VAL C 101 -2.15 -9.19 -45.28
C VAL C 101 -0.73 -8.88 -44.77
N PHE C 102 -0.23 -9.74 -43.88
CA PHE C 102 1.09 -9.55 -43.28
C PHE C 102 2.24 -9.89 -44.23
N GLN C 103 1.99 -10.77 -45.21
CA GLN C 103 3.01 -11.05 -46.22
C GLN C 103 3.23 -9.79 -47.06
N GLN C 104 2.14 -9.07 -47.37
CA GLN C 104 2.24 -7.82 -48.12
C GLN C 104 2.93 -6.72 -47.29
N ILE C 105 2.62 -6.60 -45.99
CA ILE C 105 3.29 -5.61 -45.14
C ILE C 105 4.81 -5.90 -45.11
N ALA C 106 5.21 -7.18 -44.94
CA ALA C 106 6.62 -7.55 -44.89
C ALA C 106 7.36 -7.18 -46.18
N ARG C 107 6.70 -7.39 -47.33
CA ARG C 107 7.26 -7.08 -48.65
C ARG C 107 7.56 -5.58 -48.73
N GLU C 108 6.60 -4.75 -48.27
CA GLU C 108 6.72 -3.30 -48.28
C GLU C 108 7.75 -2.81 -47.29
N VAL C 109 7.87 -3.46 -46.13
CA VAL C 109 8.91 -3.09 -45.15
C VAL C 109 10.29 -3.35 -45.78
N GLY C 110 10.46 -4.55 -46.34
CA GLY C 110 11.70 -4.94 -47.01
C GLY C 110 12.75 -5.45 -46.04
N GLU C 111 13.77 -6.13 -46.57
CA GLU C 111 14.81 -6.80 -45.78
C GLU C 111 15.63 -5.87 -44.88
N VAL C 112 16.14 -4.75 -45.39
CA VAL C 112 16.99 -3.84 -44.60
C VAL C 112 16.28 -3.29 -43.38
N ARG C 113 15.07 -2.76 -43.58
CA ARG C 113 14.29 -2.20 -42.47
C ARG C 113 13.85 -3.31 -41.50
N MET C 114 13.41 -4.48 -42.02
CA MET C 114 12.99 -5.59 -41.17
C MET C 114 14.15 -6.04 -40.27
N GLN C 115 15.34 -6.23 -40.86
CA GLN C 115 16.53 -6.61 -40.12
C GLN C 115 16.86 -5.60 -39.02
N LYS C 116 16.82 -4.29 -39.32
CA LYS C 116 17.14 -3.22 -38.37
C LYS C 116 16.22 -3.30 -37.13
N TYR C 117 14.90 -3.44 -37.37
CA TYR C 117 13.97 -3.49 -36.25
C TYR C 117 14.09 -4.76 -35.42
N LEU C 118 14.34 -5.93 -36.06
CA LEU C 118 14.50 -7.15 -35.29
C LEU C 118 15.75 -7.10 -34.42
N LYS C 119 16.79 -6.34 -34.86
CA LYS C 119 18.00 -6.11 -34.04
C LYS C 119 17.61 -5.22 -32.85
N LYS C 120 16.87 -4.12 -33.11
CA LYS C 120 16.41 -3.20 -32.06
C LYS C 120 15.57 -3.92 -31.01
N PHE C 121 14.70 -4.86 -31.46
CA PHE C 121 13.78 -5.60 -30.59
C PHE C 121 14.43 -6.81 -29.92
N SER C 122 15.71 -7.16 -30.30
CA SER C 122 16.41 -8.39 -29.82
C SER C 122 15.44 -9.57 -30.06
N TYR C 123 14.95 -9.68 -31.30
CA TYR C 123 13.93 -10.69 -31.66
C TYR C 123 14.53 -11.99 -32.14
N GLY C 124 14.68 -12.92 -31.19
CA GLY C 124 15.19 -14.25 -31.49
C GLY C 124 16.53 -14.27 -32.15
N ASN C 125 16.70 -15.18 -33.14
CA ASN C 125 17.98 -15.29 -33.83
C ASN C 125 18.16 -14.21 -34.90
N GLN C 126 17.10 -13.37 -35.10
CA GLN C 126 17.07 -12.24 -36.04
C GLN C 126 17.41 -12.69 -37.47
N ASN C 127 17.15 -13.96 -37.79
CA ASN C 127 17.49 -14.50 -39.11
C ASN C 127 16.28 -14.41 -40.01
N ILE C 128 16.29 -13.45 -40.95
CA ILE C 128 15.13 -13.27 -41.82
C ILE C 128 15.35 -13.88 -43.21
N SER C 129 16.29 -14.86 -43.34
CA SER C 129 16.45 -15.51 -44.64
CA SER C 129 16.49 -15.58 -44.60
C SER C 129 15.28 -16.53 -44.82
N GLY C 130 15.00 -16.87 -46.06
CA GLY C 130 13.90 -17.75 -46.44
C GLY C 130 12.80 -17.06 -47.21
N GLY C 131 13.06 -15.82 -47.64
CA GLY C 131 12.12 -14.98 -48.40
C GLY C 131 11.50 -13.95 -47.49
N ILE C 132 11.42 -12.69 -47.95
CA ILE C 132 10.90 -11.57 -47.14
C ILE C 132 9.44 -11.78 -46.68
N ASP C 133 8.63 -12.52 -47.44
CA ASP C 133 7.22 -12.76 -47.10
C ASP C 133 6.97 -14.15 -46.50
N LYS C 134 8.04 -14.88 -46.12
CA LYS C 134 7.89 -16.25 -45.60
C LYS C 134 8.80 -16.57 -44.44
N PHE C 135 9.76 -15.69 -44.09
CA PHE C 135 10.79 -16.06 -43.10
C PHE C 135 10.25 -16.52 -41.75
N TRP C 136 9.11 -15.98 -41.32
CA TRP C 136 8.53 -16.32 -40.01
C TRP C 136 7.61 -17.55 -40.07
N LEU C 137 7.31 -18.05 -41.29
CA LEU C 137 6.41 -19.17 -41.50
C LEU C 137 7.14 -20.43 -41.86
N GLU C 138 8.17 -20.31 -42.71
CA GLU C 138 8.91 -21.49 -43.14
C GLU C 138 10.41 -21.20 -43.35
N GLY C 139 10.84 -20.03 -42.91
CA GLY C 139 12.22 -19.60 -43.08
C GLY C 139 13.10 -19.95 -41.89
N GLN C 140 14.13 -19.12 -41.69
CA GLN C 140 15.18 -19.37 -40.69
C GLN C 140 14.98 -18.64 -39.38
N LEU C 141 13.91 -17.85 -39.24
CA LEU C 141 13.68 -17.11 -38.01
C LEU C 141 13.26 -18.04 -36.88
N ARG C 142 13.87 -17.84 -35.71
CA ARG C 142 13.59 -18.65 -34.55
C ARG C 142 13.58 -17.75 -33.31
N ILE C 143 12.67 -18.05 -32.36
CA ILE C 143 12.60 -17.31 -31.11
C ILE C 143 12.20 -18.28 -29.99
N SER C 144 12.73 -18.05 -28.77
CA SER C 144 12.40 -18.89 -27.64
C SER C 144 11.19 -18.34 -26.87
N ALA C 145 10.62 -19.17 -25.97
CA ALA C 145 9.51 -18.73 -25.12
C ALA C 145 10.02 -17.63 -24.17
N VAL C 146 11.27 -17.76 -23.66
CA VAL C 146 11.84 -16.74 -22.77
C VAL C 146 11.95 -15.40 -23.53
N ASN C 147 12.46 -15.43 -24.76
CA ASN C 147 12.61 -14.21 -25.56
C ASN C 147 11.22 -13.59 -25.90
N GLN C 148 10.18 -14.44 -26.12
CA GLN C 148 8.82 -13.93 -26.35
C GLN C 148 8.37 -13.14 -25.11
N VAL C 149 8.56 -13.70 -23.89
CA VAL C 149 8.17 -12.99 -22.68
C VAL C 149 8.95 -11.65 -22.54
N GLU C 150 10.27 -11.65 -22.79
CA GLU C 150 11.06 -10.40 -22.71
C GLU C 150 10.51 -9.35 -23.68
N PHE C 151 10.23 -9.79 -24.91
CA PHE C 151 9.72 -8.89 -25.95
C PHE C 151 8.35 -8.32 -25.58
N LEU C 152 7.45 -9.19 -25.08
CA LEU C 152 6.11 -8.76 -24.67
C LEU C 152 6.14 -7.82 -23.48
N GLU C 153 7.02 -8.10 -22.50
CA GLU C 153 7.21 -7.20 -21.37
C GLU C 153 7.62 -5.79 -21.86
N SER C 154 8.58 -5.73 -22.82
CA SER C 154 9.00 -4.45 -23.38
C SER C 154 7.84 -3.73 -24.02
N LEU C 155 7.01 -4.46 -24.79
CA LEU C 155 5.81 -3.88 -25.42
C LEU C 155 4.83 -3.35 -24.35
N TYR C 156 4.54 -4.16 -23.31
CA TYR C 156 3.64 -3.76 -22.21
C TYR C 156 4.11 -2.43 -21.57
N LEU C 157 5.42 -2.28 -21.38
CA LEU C 157 6.03 -1.09 -20.74
C LEU C 157 6.33 0.05 -21.72
N ASN C 158 5.99 -0.11 -23.02
CA ASN C 158 6.25 0.86 -24.09
C ASN C 158 7.77 1.10 -24.25
N LYS C 159 8.58 0.07 -23.93
CA LYS C 159 10.05 0.19 -23.96
C LYS C 159 10.69 -0.30 -25.26
N LEU C 160 9.89 -0.74 -26.23
CA LEU C 160 10.46 -1.14 -27.52
C LEU C 160 10.94 0.10 -28.25
N SER C 161 11.89 -0.06 -29.19
CA SER C 161 12.43 1.06 -29.99
C SER C 161 11.44 1.40 -31.10
N ALA C 162 10.30 1.96 -30.67
CA ALA C 162 9.17 2.36 -31.51
C ALA C 162 8.41 3.40 -30.74
N SER C 163 7.54 4.19 -31.41
CA SER C 163 6.81 5.24 -30.70
C SER C 163 5.85 4.59 -29.69
N LYS C 164 5.56 5.31 -28.60
CA LYS C 164 4.61 4.85 -27.58
C LYS C 164 3.23 4.71 -28.27
N GLU C 165 2.88 5.66 -29.16
CA GLU C 165 1.63 5.59 -29.91
C GLU C 165 1.49 4.26 -30.68
N ASN C 166 2.52 3.86 -31.44
CA ASN C 166 2.47 2.63 -32.23
C ASN C 166 2.41 1.40 -31.35
N GLN C 167 3.12 1.45 -30.20
CA GLN C 167 3.03 0.34 -29.26
C GLN C 167 1.63 0.25 -28.70
N LEU C 168 0.99 1.39 -28.34
CA LEU C 168 -0.38 1.39 -27.80
C LEU C 168 -1.41 0.88 -28.85
N ILE C 169 -1.24 1.28 -30.12
CA ILE C 169 -2.14 0.79 -31.18
C ILE C 169 -2.09 -0.76 -31.27
N VAL C 170 -0.87 -1.32 -31.30
CA VAL C 170 -0.69 -2.78 -31.41
C VAL C 170 -1.24 -3.48 -30.16
N LYS C 171 -1.02 -2.87 -28.98
CA LYS C 171 -1.58 -3.45 -27.76
C LYS C 171 -3.12 -3.54 -27.81
N GLU C 172 -3.84 -2.47 -28.21
CA GLU C 172 -5.30 -2.63 -28.26
C GLU C 172 -5.73 -3.72 -29.27
N ALA C 173 -4.96 -3.86 -30.38
CA ALA C 173 -5.22 -4.88 -31.40
C ALA C 173 -5.07 -6.31 -30.85
N LEU C 174 -4.33 -6.44 -29.73
CA LEU C 174 -4.05 -7.74 -29.12
C LEU C 174 -5.02 -8.13 -28.01
N VAL C 175 -5.94 -7.23 -27.63
CA VAL C 175 -6.89 -7.58 -26.55
C VAL C 175 -7.77 -8.76 -26.98
N THR C 176 -7.81 -9.83 -26.19
CA THR C 176 -8.64 -11.02 -26.51
C THR C 176 -9.68 -11.33 -25.44
N GLU C 177 -9.52 -10.77 -24.24
CA GLU C 177 -10.47 -10.98 -23.13
C GLU C 177 -10.53 -9.74 -22.33
N ALA C 178 -11.74 -9.33 -21.97
CA ALA C 178 -11.93 -8.12 -21.18
C ALA C 178 -13.01 -8.30 -20.15
N ALA C 179 -12.69 -7.97 -18.90
CA ALA C 179 -13.61 -7.95 -17.79
C ALA C 179 -13.19 -6.77 -16.92
N PRO C 180 -14.03 -6.29 -15.98
CA PRO C 180 -13.64 -5.08 -15.22
C PRO C 180 -12.24 -5.11 -14.57
N GLU C 181 -11.84 -6.26 -14.01
CA GLU C 181 -10.53 -6.36 -13.35
C GLU C 181 -9.72 -7.53 -13.91
N TYR C 182 -9.90 -7.83 -15.20
CA TYR C 182 -9.13 -8.91 -15.83
C TYR C 182 -9.04 -8.56 -17.29
N LEU C 183 -7.83 -8.46 -17.81
CA LEU C 183 -7.64 -8.10 -19.21
C LEU C 183 -6.54 -8.97 -19.80
N VAL C 184 -6.80 -9.54 -20.98
CA VAL C 184 -5.83 -10.42 -21.63
C VAL C 184 -5.43 -9.87 -22.99
N HIS C 185 -4.11 -9.81 -23.24
CA HIS C 185 -3.56 -9.49 -24.57
C HIS C 185 -2.89 -10.77 -25.01
N SER C 186 -3.20 -11.30 -26.22
CA SER C 186 -2.58 -12.58 -26.58
C SER C 186 -2.56 -12.76 -28.06
N LYS C 187 -1.71 -13.69 -28.50
CA LYS C 187 -1.62 -14.02 -29.92
C LYS C 187 -1.25 -15.50 -30.05
N THR C 188 -1.95 -16.20 -30.95
CA THR C 188 -1.63 -17.60 -31.23
C THR C 188 -0.69 -17.66 -32.44
N GLY C 189 -0.08 -18.83 -32.66
CA GLY C 189 0.73 -19.10 -33.84
C GLY C 189 0.72 -20.57 -34.13
N PHE C 190 0.91 -20.95 -35.40
CA PHE C 190 0.90 -22.35 -35.78
C PHE C 190 1.62 -22.43 -37.10
N SER C 191 2.74 -23.16 -37.15
CA SER C 191 3.51 -23.22 -38.40
C SER C 191 2.97 -24.21 -39.42
N GLY C 192 2.03 -25.07 -39.01
CA GLY C 192 1.50 -26.13 -39.86
C GLY C 192 1.83 -27.45 -39.21
N VAL C 193 1.04 -28.49 -39.50
CA VAL C 193 1.24 -29.81 -38.89
C VAL C 193 2.48 -30.43 -39.51
N GLY C 194 3.25 -31.13 -38.68
CA GLY C 194 4.42 -31.87 -39.11
C GLY C 194 4.25 -33.33 -38.76
N THR C 195 5.33 -34.10 -38.88
CA THR C 195 5.31 -35.51 -38.52
C THR C 195 5.84 -35.64 -37.09
N GLU C 196 5.87 -36.85 -36.49
CA GLU C 196 6.39 -37.03 -35.14
C GLU C 196 7.88 -36.65 -35.09
N SER C 197 8.65 -37.08 -36.11
CA SER C 197 10.09 -36.82 -36.23
C SER C 197 10.41 -35.36 -36.62
N ASN C 198 9.54 -34.72 -37.43
CA ASN C 198 9.72 -33.33 -37.88
C ASN C 198 8.42 -32.54 -37.62
N PRO C 199 8.10 -32.27 -36.36
CA PRO C 199 6.82 -31.61 -36.10
C PRO C 199 6.79 -30.13 -36.41
N GLY C 200 5.59 -29.60 -36.53
CA GLY C 200 5.40 -28.17 -36.64
C GLY C 200 5.40 -27.62 -35.21
N VAL C 201 5.22 -26.31 -35.06
CA VAL C 201 5.15 -25.68 -33.75
C VAL C 201 3.84 -24.88 -33.63
N ALA C 202 3.24 -24.88 -32.43
CA ALA C 202 2.06 -24.06 -32.14
C ALA C 202 2.42 -23.22 -30.89
N TRP C 203 1.99 -21.98 -30.91
CA TRP C 203 2.26 -21.03 -29.83
C TRP C 203 0.99 -20.40 -29.28
N TRP C 204 1.12 -19.89 -28.03
CA TRP C 204 0.17 -18.98 -27.44
C TRP C 204 0.99 -18.08 -26.56
N VAL C 205 1.02 -16.78 -26.86
CA VAL C 205 1.84 -15.83 -26.07
C VAL C 205 1.01 -14.62 -25.69
N GLY C 206 1.39 -13.94 -24.62
CA GLY C 206 0.68 -12.74 -24.23
C GLY C 206 0.90 -12.35 -22.80
N TRP C 207 -0.07 -11.60 -22.24
CA TRP C 207 0.01 -11.23 -20.84
C TRP C 207 -1.38 -11.07 -20.29
N VAL C 208 -1.50 -11.30 -18.99
CA VAL C 208 -2.76 -11.22 -18.24
C VAL C 208 -2.62 -10.12 -17.21
N GLU C 209 -3.57 -9.16 -17.18
CA GLU C 209 -3.59 -8.12 -16.14
C GLU C 209 -4.75 -8.50 -15.23
N LYS C 210 -4.47 -8.90 -14.00
CA LYS C 210 -5.50 -9.33 -13.06
C LYS C 210 -5.39 -8.41 -11.85
N GLU C 211 -6.44 -7.62 -11.61
CA GLU C 211 -6.43 -6.62 -10.53
C GLU C 211 -5.21 -5.73 -10.78
N THR C 212 -4.27 -5.57 -9.82
CA THR C 212 -3.10 -4.72 -10.09
C THR C 212 -1.84 -5.54 -10.41
N GLU C 213 -2.00 -6.83 -10.73
CA GLU C 213 -0.87 -7.67 -11.09
C GLU C 213 -0.80 -7.92 -12.59
N VAL C 214 0.41 -8.25 -13.11
CA VAL C 214 0.59 -8.58 -14.52
C VAL C 214 1.36 -9.89 -14.61
N TYR C 215 0.92 -10.77 -15.51
CA TYR C 215 1.57 -12.06 -15.74
C TYR C 215 1.91 -12.17 -17.19
N PHE C 216 3.20 -12.34 -17.52
CA PHE C 216 3.60 -12.50 -18.94
C PHE C 216 3.69 -13.99 -19.21
N PHE C 217 3.26 -14.46 -20.41
CA PHE C 217 3.34 -15.88 -20.66
C PHE C 217 3.72 -16.20 -22.08
N ALA C 218 4.33 -17.35 -22.28
CA ALA C 218 4.63 -17.85 -23.62
C ALA C 218 4.60 -19.35 -23.57
N PHE C 219 3.83 -19.92 -24.49
CA PHE C 219 3.69 -21.37 -24.60
C PHE C 219 4.05 -21.81 -26.00
N ASN C 220 4.76 -22.93 -26.13
CA ASN C 220 4.90 -23.55 -27.45
C ASN C 220 4.84 -25.05 -27.30
N MET C 221 4.49 -25.74 -28.40
CA MET C 221 4.43 -27.19 -28.37
C MET C 221 4.72 -27.74 -29.74
N ASP C 222 5.19 -28.99 -29.78
CA ASP C 222 5.36 -29.69 -31.04
C ASP C 222 3.99 -30.15 -31.47
N ILE C 223 3.67 -30.01 -32.76
CA ILE C 223 2.37 -30.45 -33.27
C ILE C 223 2.56 -31.31 -34.53
N ASP C 224 2.08 -32.54 -34.41
CA ASP C 224 2.19 -33.59 -35.41
C ASP C 224 0.83 -34.16 -35.72
N ASN C 225 -0.25 -33.53 -35.26
CA ASN C 225 -1.62 -33.95 -35.51
C ASN C 225 -2.48 -32.71 -35.38
N GLU C 226 -3.18 -32.34 -36.46
CA GLU C 226 -4.05 -31.14 -36.51
C GLU C 226 -5.06 -31.04 -35.35
N SER C 227 -5.56 -32.23 -34.89
CA SER C 227 -6.58 -32.30 -33.82
C SER C 227 -6.04 -31.79 -32.48
N LYS C 228 -4.70 -31.74 -32.32
CA LYS C 228 -4.07 -31.28 -31.08
C LYS C 228 -3.92 -29.76 -30.99
N LEU C 229 -4.26 -29.04 -32.07
CA LEU C 229 -4.08 -27.57 -32.07
C LEU C 229 -4.69 -26.82 -30.85
N PRO C 230 -5.94 -27.13 -30.38
CA PRO C 230 -6.49 -26.36 -29.24
C PRO C 230 -5.75 -26.50 -27.91
N LEU C 231 -4.85 -27.49 -27.82
CA LEU C 231 -4.02 -27.64 -26.61
C LEU C 231 -3.09 -26.42 -26.40
N ARG C 232 -2.85 -25.61 -27.47
CA ARG C 232 -1.98 -24.43 -27.31
C ARG C 232 -2.59 -23.41 -26.35
N LYS C 233 -3.96 -23.46 -26.18
CA LYS C 233 -4.62 -22.59 -25.21
C LYS C 233 -5.02 -23.39 -23.98
N SER C 234 -5.45 -24.67 -24.14
CA SER C 234 -5.97 -25.38 -22.95
C SER C 234 -4.87 -25.79 -21.93
N ILE C 235 -3.68 -26.13 -22.41
CA ILE C 235 -2.59 -26.50 -21.47
C ILE C 235 -2.18 -25.24 -20.66
N PRO C 236 -1.81 -24.09 -21.30
CA PRO C 236 -1.50 -22.89 -20.49
C PRO C 236 -2.66 -22.45 -19.60
N THR C 237 -3.92 -22.57 -20.07
CA THR C 237 -5.08 -22.19 -19.24
C THR C 237 -5.14 -23.07 -17.98
N LYS C 238 -4.95 -24.42 -18.11
CA LYS C 238 -4.97 -25.31 -16.95
C LYS C 238 -3.84 -24.97 -15.96
N ILE C 239 -2.66 -24.59 -16.50
CA ILE C 239 -1.55 -24.19 -15.61
C ILE C 239 -1.89 -22.88 -14.90
N MET C 240 -2.41 -21.88 -15.65
CA MET C 240 -2.77 -20.61 -15.01
C MET C 240 -3.91 -20.77 -13.99
N GLU C 241 -4.82 -21.77 -14.22
CA GLU C 241 -5.90 -22.07 -13.28
C GLU C 241 -5.29 -22.65 -11.99
N SER C 242 -4.33 -23.59 -12.11
CA SER C 242 -3.68 -24.24 -10.95
C SER C 242 -2.83 -23.23 -10.15
N GLU C 243 -2.36 -22.17 -10.82
CA GLU C 243 -1.58 -21.09 -10.23
C GLU C 243 -2.47 -20.02 -9.56
N GLY C 244 -3.78 -20.11 -9.77
CA GLY C 244 -4.74 -19.17 -9.18
C GLY C 244 -4.96 -17.90 -9.97
N ILE C 245 -4.39 -17.81 -11.18
CA ILE C 245 -4.56 -16.63 -12.04
C ILE C 245 -5.96 -16.65 -12.64
N ILE C 246 -6.44 -17.82 -13.04
CA ILE C 246 -7.78 -17.98 -13.59
C ILE C 246 -8.61 -18.56 -12.46
N GLY C 247 -9.63 -17.80 -12.06
CA GLY C 247 -10.51 -18.19 -10.97
C GLY C 247 -10.21 -17.46 -9.68
N GLY C 248 -11.20 -17.47 -8.78
CA GLY C 248 -11.09 -16.83 -7.47
C GLY C 248 -11.06 -17.86 -6.35
N SER D 3 -10.08 25.02 32.75
CA SER D 3 -10.03 26.33 32.09
C SER D 3 -9.36 26.25 30.71
N ILE D 4 -10.10 26.67 29.68
CA ILE D 4 -9.56 26.66 28.31
C ILE D 4 -9.56 28.07 27.72
N THR D 5 -8.41 28.48 27.15
CA THR D 5 -8.25 29.80 26.56
C THR D 5 -8.01 29.70 25.05
N GLU D 6 -8.37 30.76 24.32
CA GLU D 6 -8.16 30.77 22.88
C GLU D 6 -6.89 31.53 22.53
N ASN D 7 -6.07 30.93 21.68
CA ASN D 7 -4.84 31.52 21.18
C ASN D 7 -4.99 31.64 19.64
N THR D 8 -5.42 32.84 19.21
CA THR D 8 -5.68 33.22 17.82
C THR D 8 -4.43 33.01 16.94
N SER D 9 -3.23 33.26 17.49
CA SER D 9 -1.96 33.13 16.77
C SER D 9 -1.71 31.71 16.25
N TRP D 10 -2.25 30.68 16.92
CA TRP D 10 -2.07 29.28 16.51
C TRP D 10 -2.85 28.93 15.24
N ASN D 11 -3.65 29.87 14.72
CA ASN D 11 -4.35 29.62 13.45
C ASN D 11 -3.41 29.79 12.29
N LYS D 12 -2.17 30.27 12.52
CA LYS D 12 -1.17 30.56 11.46
C LYS D 12 -0.93 29.39 10.51
N GLU D 13 -0.65 28.18 11.04
CA GLU D 13 -0.36 27.05 10.16
C GLU D 13 -1.59 26.47 9.52
N PHE D 14 -2.78 26.65 10.13
CA PHE D 14 -4.02 26.22 9.46
C PHE D 14 -4.30 27.12 8.26
N SER D 15 -4.15 28.45 8.44
CA SER D 15 -4.43 29.41 7.37
C SER D 15 -3.47 29.24 6.18
N ALA D 16 -2.17 29.00 6.47
CA ALA D 16 -1.10 28.83 5.46
C ALA D 16 -1.40 27.63 4.54
N GLU D 17 -2.07 26.61 5.09
CA GLU D 17 -2.40 25.39 4.36
C GLU D 17 -3.87 25.31 3.91
N ALA D 18 -4.67 26.39 4.14
CA ALA D 18 -6.11 26.47 3.82
C ALA D 18 -6.86 25.27 4.37
N VAL D 19 -6.63 24.98 5.65
CA VAL D 19 -7.28 23.85 6.30
C VAL D 19 -8.05 24.29 7.53
N ASN D 20 -9.14 23.59 7.77
CA ASN D 20 -10.02 23.81 8.91
C ASN D 20 -9.70 22.75 9.97
N GLY D 21 -9.34 23.19 11.16
CA GLY D 21 -9.07 22.24 12.24
C GLY D 21 -8.81 22.87 13.59
N VAL D 22 -8.45 22.01 14.56
CA VAL D 22 -8.24 22.50 15.91
C VAL D 22 -7.07 21.78 16.55
N PHE D 23 -6.35 22.52 17.40
CA PHE D 23 -5.28 21.98 18.19
C PHE D 23 -5.58 22.38 19.63
N VAL D 24 -5.54 21.40 20.55
CA VAL D 24 -5.75 21.66 21.98
C VAL D 24 -4.44 21.22 22.65
N LEU D 25 -3.86 22.11 23.45
CA LEU D 25 -2.58 21.85 24.14
C LEU D 25 -2.72 22.22 25.59
N CYS D 26 -2.40 21.28 26.48
CA CYS D 26 -2.50 21.48 27.93
C CYS D 26 -1.18 21.21 28.61
N LYS D 27 -0.71 22.17 29.42
CA LYS D 27 0.52 22.00 30.20
C LYS D 27 0.16 21.49 31.58
N SER D 28 0.84 20.40 32.02
CA SER D 28 0.69 19.75 33.36
C SER D 28 -0.60 18.99 33.58
N SER D 29 -1.74 19.58 33.20
CA SER D 29 -3.05 18.94 33.41
C SER D 29 -4.08 19.53 32.46
N SER D 30 -5.27 18.90 32.38
CA SER D 30 -6.37 19.39 31.52
C SER D 30 -7.07 20.62 32.15
N LYS D 31 -6.53 21.15 33.25
CA LYS D 31 -7.09 22.36 33.88
C LYS D 31 -6.47 23.62 33.24
N SER D 32 -5.34 23.46 32.52
CA SER D 32 -4.60 24.56 31.89
C SER D 32 -4.46 24.31 30.39
N CYS D 33 -5.55 24.51 29.61
CA CYS D 33 -5.52 24.26 28.17
C CYS D 33 -5.61 25.54 27.33
N ALA D 34 -5.06 25.47 26.10
CA ALA D 34 -5.16 26.53 25.14
C ALA D 34 -5.51 25.90 23.78
N THR D 35 -6.20 26.65 22.91
CA THR D 35 -6.61 26.12 21.60
C THR D 35 -6.66 27.28 20.59
N ASN D 36 -6.55 26.97 19.30
CA ASN D 36 -6.72 28.00 18.26
C ASN D 36 -8.22 28.32 18.03
N ASP D 37 -9.14 27.38 18.42
CA ASP D 37 -10.57 27.52 18.14
C ASP D 37 -11.42 26.88 19.24
N LEU D 38 -11.97 27.71 20.15
CA LEU D 38 -12.78 27.26 21.25
C LEU D 38 -13.99 26.46 20.82
N ALA D 39 -14.65 26.88 19.72
CA ALA D 39 -15.83 26.18 19.24
C ALA D 39 -15.49 24.76 18.76
N ARG D 40 -14.48 24.63 17.91
CA ARG D 40 -14.08 23.33 17.39
C ARG D 40 -13.46 22.43 18.44
N ALA D 41 -12.83 23.01 19.49
CA ALA D 41 -12.17 22.17 20.53
C ALA D 41 -13.18 21.22 21.22
N SER D 42 -14.46 21.65 21.31
CA SER D 42 -15.54 20.87 21.93
C SER D 42 -16.40 20.09 20.93
N LYS D 43 -16.18 20.28 19.61
CA LYS D 43 -16.95 19.60 18.57
C LYS D 43 -16.48 18.15 18.50
N GLU D 44 -17.45 17.24 18.37
CA GLU D 44 -17.16 15.81 18.38
C GLU D 44 -17.09 15.22 17.01
N TYR D 45 -16.05 14.41 16.76
CA TYR D 45 -15.81 13.77 15.46
C TYR D 45 -15.55 12.29 15.65
N LEU D 46 -15.71 11.54 14.54
CA LEU D 46 -15.35 10.13 14.55
C LEU D 46 -13.90 10.00 15.04
N PRO D 47 -13.60 9.08 15.99
CA PRO D 47 -12.21 8.96 16.48
C PRO D 47 -11.27 8.31 15.47
N ALA D 48 -11.83 7.52 14.53
CA ALA D 48 -11.01 6.76 13.58
C ALA D 48 -9.94 5.94 14.38
N SER D 49 -8.68 5.82 13.90
CA SER D 49 -7.67 4.96 14.55
C SER D 49 -7.23 5.44 15.92
N THR D 50 -7.64 6.66 16.37
CA THR D 50 -7.29 7.04 17.76
C THR D 50 -8.06 6.14 18.73
N PHE D 51 -9.13 5.46 18.20
CA PHE D 51 -9.92 4.52 19.00
C PHE D 51 -9.07 3.28 19.35
N LYS D 52 -7.95 3.05 18.63
CA LYS D 52 -7.09 1.91 19.00
C LYS D 52 -6.58 1.98 20.44
N ILE D 53 -6.51 3.21 21.03
CA ILE D 53 -6.06 3.33 22.42
C ILE D 53 -7.09 2.70 23.39
N PRO D 54 -8.36 3.18 23.48
CA PRO D 54 -9.31 2.49 24.37
C PRO D 54 -9.56 1.04 23.95
N ASN D 55 -9.59 0.74 22.62
CA ASN D 55 -9.84 -0.64 22.12
C ASN D 55 -8.74 -1.59 22.65
N ALA D 56 -7.46 -1.18 22.61
CA ALA D 56 -6.35 -2.00 23.15
C ALA D 56 -6.53 -2.21 24.67
N ILE D 57 -6.89 -1.12 25.41
CA ILE D 57 -7.06 -1.24 26.87
C ILE D 57 -8.19 -2.23 27.16
N ILE D 58 -9.32 -2.06 26.45
CA ILE D 58 -10.48 -2.94 26.60
C ILE D 58 -10.17 -4.39 26.22
N GLY D 59 -9.41 -4.58 25.14
CA GLY D 59 -9.01 -5.92 24.71
C GLY D 59 -8.20 -6.62 25.79
N LEU D 60 -7.31 -5.87 26.48
CA LEU D 60 -6.49 -6.44 27.59
C LEU D 60 -7.34 -6.69 28.83
N GLU D 61 -8.23 -5.73 29.20
CA GLU D 61 -9.10 -5.84 30.36
C GLU D 61 -10.03 -7.06 30.29
N THR D 62 -10.58 -7.35 29.11
CA THR D 62 -11.54 -8.43 28.87
C THR D 62 -10.84 -9.77 28.63
N GLY D 63 -9.53 -9.75 28.42
CA GLY D 63 -8.80 -10.98 28.16
C GLY D 63 -8.79 -11.37 26.69
N VAL D 64 -9.43 -10.56 25.81
CA VAL D 64 -9.42 -10.81 24.37
C VAL D 64 -7.95 -10.78 23.89
N ILE D 65 -7.19 -9.82 24.44
CA ILE D 65 -5.74 -9.75 24.22
C ILE D 65 -5.15 -10.40 25.46
N LYS D 66 -4.50 -11.56 25.30
CA LYS D 66 -4.02 -12.38 26.42
C LYS D 66 -3.12 -11.63 27.37
N ASN D 67 -2.10 -10.95 26.85
CA ASN D 67 -1.09 -10.21 27.62
C ASN D 67 -0.31 -9.28 26.68
N GLU D 68 0.70 -8.59 27.22
CA GLU D 68 1.50 -7.64 26.46
C GLU D 68 2.26 -8.26 25.27
N HIS D 69 2.56 -9.57 25.31
CA HIS D 69 3.34 -10.23 24.26
C HIS D 69 2.52 -11.02 23.26
N GLN D 70 1.22 -10.77 23.25
CA GLN D 70 0.27 -11.40 22.32
C GLN D 70 0.72 -11.11 20.89
N VAL D 71 0.75 -12.15 20.04
CA VAL D 71 1.05 -11.96 18.63
C VAL D 71 -0.27 -12.12 17.86
N PHE D 72 -0.57 -11.17 16.97
CA PHE D 72 -1.75 -11.22 16.12
C PHE D 72 -1.30 -11.79 14.80
N LYS D 73 -1.65 -13.05 14.56
CA LYS D 73 -1.21 -13.77 13.34
C LYS D 73 -1.95 -13.33 12.07
N TRP D 74 -1.22 -13.23 10.93
CA TRP D 74 -1.82 -12.89 9.63
C TRP D 74 -2.26 -14.20 8.99
N ASP D 75 -3.53 -14.27 8.52
CA ASP D 75 -4.13 -15.46 7.89
C ASP D 75 -3.74 -15.67 6.41
N GLY D 76 -2.87 -14.81 5.87
CA GLY D 76 -2.41 -14.91 4.49
C GLY D 76 -3.39 -14.33 3.48
N LYS D 77 -4.51 -13.73 3.96
CA LYS D 77 -5.55 -13.15 3.10
C LYS D 77 -5.25 -11.66 2.84
N PRO D 78 -5.60 -11.09 1.66
CA PRO D 78 -5.19 -9.70 1.36
C PRO D 78 -5.67 -8.63 2.32
N ARG D 79 -4.75 -7.72 2.68
CA ARG D 79 -5.05 -6.56 3.51
C ARG D 79 -4.73 -5.30 2.71
N ALA D 80 -5.27 -4.14 3.13
CA ALA D 80 -5.09 -2.87 2.42
C ALA D 80 -3.66 -2.36 2.34
N MET D 81 -2.87 -2.68 3.35
CA MET D 81 -1.49 -2.22 3.43
C MET D 81 -0.56 -3.42 3.55
N LYS D 82 0.56 -3.40 2.78
CA LYS D 82 1.61 -4.44 2.78
C LYS D 82 2.15 -4.56 4.21
N GLN D 83 2.26 -3.43 4.96
CA GLN D 83 2.73 -3.37 6.34
C GLN D 83 1.83 -4.16 7.32
N TRP D 84 0.58 -4.49 6.92
CA TRP D 84 -0.36 -5.24 7.75
C TRP D 84 -0.33 -6.73 7.40
N GLU D 85 0.32 -7.11 6.30
CA GLU D 85 0.33 -8.50 5.85
C GLU D 85 1.47 -9.30 6.47
N ARG D 86 1.41 -9.40 7.80
CA ARG D 86 2.41 -10.10 8.58
C ARG D 86 1.88 -10.23 10.01
N ASP D 87 2.50 -11.09 10.80
CA ASP D 87 2.17 -11.22 12.20
C ASP D 87 2.60 -9.93 12.88
N LEU D 88 1.81 -9.48 13.84
CA LEU D 88 2.11 -8.21 14.50
C LEU D 88 2.04 -8.34 16.00
N THR D 89 2.82 -7.53 16.72
CA THR D 89 2.69 -7.48 18.17
C THR D 89 1.60 -6.44 18.46
N LEU D 90 1.25 -6.24 19.73
CA LEU D 90 0.25 -5.22 20.09
C LEU D 90 0.81 -3.84 19.75
N ARG D 91 2.06 -3.57 20.10
CA ARG D 91 2.64 -2.28 19.73
C ARG D 91 2.69 -2.15 18.20
N GLY D 92 3.14 -3.20 17.50
CA GLY D 92 3.18 -3.20 16.04
C GLY D 92 1.84 -2.87 15.44
N ALA D 93 0.78 -3.52 15.94
CA ALA D 93 -0.58 -3.33 15.43
C ALA D 93 -1.08 -1.91 15.64
N ILE D 94 -0.76 -1.33 16.80
CA ILE D 94 -1.15 0.05 17.05
C ILE D 94 -0.35 1.02 16.15
N GLN D 95 0.97 0.85 16.11
CA GLN D 95 1.89 1.74 15.39
C GLN D 95 1.68 1.78 13.89
N VAL D 96 1.40 0.62 13.26
CA VAL D 96 1.17 0.60 11.81
C VAL D 96 -0.32 0.86 11.54
N SER D 97 -1.12 0.99 12.62
CA SER D 97 -2.56 1.25 12.56
C SER D 97 -3.27 0.15 11.76
N ALA D 98 -3.06 -1.12 12.13
CA ALA D 98 -3.63 -2.26 11.40
C ALA D 98 -5.10 -2.44 11.70
N VAL D 99 -5.94 -1.73 10.92
CA VAL D 99 -7.41 -1.75 11.04
C VAL D 99 -8.01 -3.18 11.22
N PRO D 100 -7.66 -4.18 10.38
CA PRO D 100 -8.28 -5.50 10.55
C PRO D 100 -8.01 -6.22 11.88
N VAL D 101 -6.84 -5.96 12.50
CA VAL D 101 -6.54 -6.61 13.80
C VAL D 101 -7.53 -6.06 14.84
N PHE D 102 -7.78 -4.75 14.80
CA PHE D 102 -8.63 -4.12 15.80
C PHE D 102 -10.11 -4.36 15.54
N GLN D 103 -10.49 -4.62 14.26
CA GLN D 103 -11.86 -4.99 13.97
C GLN D 103 -12.16 -6.35 14.61
N GLN D 104 -11.19 -7.28 14.54
CA GLN D 104 -11.35 -8.58 15.17
C GLN D 104 -11.37 -8.47 16.71
N ILE D 105 -10.53 -7.62 17.31
CA ILE D 105 -10.57 -7.42 18.77
C ILE D 105 -11.95 -6.89 19.19
N ALA D 106 -12.51 -5.90 18.46
CA ALA D 106 -13.81 -5.31 18.78
C ALA D 106 -14.93 -6.37 18.71
N ARG D 107 -14.90 -7.21 17.68
CA ARG D 107 -15.88 -8.28 17.53
C ARG D 107 -15.81 -9.24 18.74
N GLU D 108 -14.61 -9.58 19.20
CA GLU D 108 -14.44 -10.46 20.35
C GLU D 108 -14.86 -9.79 21.64
N VAL D 109 -14.58 -8.49 21.80
CA VAL D 109 -15.04 -7.74 22.98
C VAL D 109 -16.58 -7.74 23.02
N GLY D 110 -17.21 -7.43 21.89
CA GLY D 110 -18.66 -7.42 21.78
C GLY D 110 -19.30 -6.16 22.32
N GLU D 111 -20.58 -5.96 21.97
CA GLU D 111 -21.27 -4.73 22.30
C GLU D 111 -21.43 -4.41 23.80
N VAL D 112 -21.88 -5.37 24.61
CA VAL D 112 -22.13 -5.13 26.04
C VAL D 112 -20.87 -4.68 26.76
N ARG D 113 -19.77 -5.41 26.55
CA ARG D 113 -18.52 -5.06 27.21
C ARG D 113 -17.94 -3.75 26.66
N MET D 114 -18.01 -3.54 25.33
CA MET D 114 -17.51 -2.30 24.72
C MET D 114 -18.25 -1.09 25.31
N GLN D 115 -19.60 -1.18 25.37
CA GLN D 115 -20.42 -0.10 25.92
C GLN D 115 -20.05 0.21 27.37
N LYS D 116 -19.87 -0.82 28.21
CA LYS D 116 -19.55 -0.66 29.63
C LYS D 116 -18.23 0.13 29.81
N TYR D 117 -17.19 -0.26 29.04
CA TYR D 117 -15.92 0.42 29.16
C TYR D 117 -15.93 1.87 28.63
N LEU D 118 -16.65 2.13 27.54
CA LEU D 118 -16.73 3.51 27.05
C LEU D 118 -17.48 4.43 28.02
N LYS D 119 -18.40 3.84 28.81
CA LYS D 119 -19.09 4.59 29.87
C LYS D 119 -18.08 4.88 31.00
N LYS D 120 -17.31 3.86 31.40
CA LYS D 120 -16.28 4.01 32.44
C LYS D 120 -15.24 5.05 32.07
N PHE D 121 -14.85 5.10 30.78
CA PHE D 121 -13.82 6.01 30.26
C PHE D 121 -14.36 7.40 29.91
N SER D 122 -15.72 7.62 30.00
CA SER D 122 -16.39 8.88 29.59
C SER D 122 -15.88 9.21 28.16
N TYR D 123 -15.97 8.22 27.26
CA TYR D 123 -15.41 8.35 25.91
C TYR D 123 -16.39 8.91 24.91
N GLY D 124 -16.31 10.22 24.72
CA GLY D 124 -17.14 10.93 23.75
C GLY D 124 -18.62 10.73 23.97
N ASN D 125 -19.38 10.55 22.88
CA ASN D 125 -20.82 10.36 22.98
C ASN D 125 -21.21 8.92 23.34
N GLN D 126 -20.18 8.04 23.48
CA GLN D 126 -20.34 6.63 23.87
C GLN D 126 -21.31 5.86 22.96
N ASN D 127 -21.45 6.32 21.72
CA ASN D 127 -22.40 5.71 20.81
C ASN D 127 -21.69 4.70 19.93
N ILE D 128 -21.88 3.41 20.20
CA ILE D 128 -21.20 2.39 19.42
C ILE D 128 -22.11 1.75 18.33
N SER D 129 -23.19 2.46 17.92
CA SER D 129 -24.03 2.01 16.80
C SER D 129 -23.22 2.12 15.50
N GLY D 130 -23.56 1.32 14.51
CA GLY D 130 -22.94 1.31 13.18
C GLY D 130 -22.15 0.05 12.87
N GLY D 131 -22.29 -0.95 13.73
CA GLY D 131 -21.64 -2.26 13.59
C GLY D 131 -20.51 -2.34 14.58
N ILE D 132 -20.39 -3.50 15.28
CA ILE D 132 -19.37 -3.67 16.33
C ILE D 132 -17.92 -3.49 15.81
N ASP D 133 -17.66 -3.79 14.52
CA ASP D 133 -16.30 -3.68 13.96
C ASP D 133 -16.10 -2.43 13.09
N LYS D 134 -17.04 -1.46 13.16
CA LYS D 134 -16.96 -0.26 12.30
C LYS D 134 -17.37 1.02 12.99
N PHE D 135 -17.88 0.96 14.23
CA PHE D 135 -18.48 2.15 14.86
C PHE D 135 -17.54 3.34 14.98
N TRP D 136 -16.22 3.10 15.13
CA TRP D 136 -15.25 4.17 15.27
C TRP D 136 -14.71 4.68 13.92
N LEU D 137 -15.07 4.01 12.83
CA LEU D 137 -14.58 4.33 11.49
C LEU D 137 -15.66 4.99 10.65
N GLU D 138 -16.86 4.48 10.75
CA GLU D 138 -17.94 5.04 9.94
C GLU D 138 -19.29 5.03 10.66
N GLY D 139 -19.26 4.74 11.95
CA GLY D 139 -20.47 4.65 12.76
C GLY D 139 -20.85 5.95 13.43
N GLN D 140 -21.50 5.81 14.59
CA GLN D 140 -22.06 6.95 15.33
C GLN D 140 -21.19 7.48 16.46
N LEU D 141 -20.02 6.87 16.70
CA LEU D 141 -19.15 7.32 17.78
C LEU D 141 -18.50 8.65 17.46
N ARG D 142 -18.54 9.57 18.42
CA ARG D 142 -17.92 10.89 18.25
C ARG D 142 -17.20 11.30 19.53
N ILE D 143 -16.07 11.98 19.39
CA ILE D 143 -15.33 12.50 20.54
C ILE D 143 -14.66 13.84 20.16
N SER D 144 -14.55 14.75 21.14
CA SER D 144 -13.91 16.03 20.88
C SER D 144 -12.41 16.00 21.20
N ALA D 145 -11.68 17.04 20.78
CA ALA D 145 -10.24 17.16 21.09
C ALA D 145 -10.08 17.36 22.59
N VAL D 146 -11.00 18.13 23.24
CA VAL D 146 -10.94 18.32 24.70
C VAL D 146 -11.13 16.98 25.43
N ASN D 147 -12.08 16.16 24.99
CA ASN D 147 -12.34 14.85 25.63
C ASN D 147 -11.15 13.90 25.37
N GLN D 148 -10.48 14.01 24.19
CA GLN D 148 -9.30 13.18 23.94
C GLN D 148 -8.22 13.54 24.98
N VAL D 149 -7.97 14.84 25.19
CA VAL D 149 -6.97 15.27 26.20
C VAL D 149 -7.33 14.75 27.61
N GLU D 150 -8.61 14.85 28.01
CA GLU D 150 -9.04 14.36 29.33
C GLU D 150 -8.78 12.85 29.45
N PHE D 151 -9.12 12.09 28.39
CA PHE D 151 -8.95 10.64 28.39
C PHE D 151 -7.45 10.27 28.45
N LEU D 152 -6.63 10.97 27.66
CA LEU D 152 -5.17 10.72 27.62
C LEU D 152 -4.51 11.07 28.94
N GLU D 153 -4.95 12.18 29.56
CA GLU D 153 -4.45 12.55 30.90
C GLU D 153 -4.75 11.43 31.91
N SER D 154 -5.98 10.88 31.89
CA SER D 154 -6.36 9.76 32.78
C SER D 154 -5.45 8.57 32.54
N LEU D 155 -5.19 8.25 31.26
CA LEU D 155 -4.28 7.13 30.91
C LEU D 155 -2.86 7.39 31.45
N TYR D 156 -2.33 8.60 31.22
CA TYR D 156 -1.01 9.01 31.70
C TYR D 156 -0.88 8.78 33.24
N LEU D 157 -1.94 9.13 34.00
CA LEU D 157 -2.01 9.05 35.46
C LEU D 157 -2.43 7.68 35.98
N ASN D 158 -2.71 6.72 35.07
CA ASN D 158 -3.21 5.37 35.41
C ASN D 158 -4.55 5.44 36.14
N LYS D 159 -5.35 6.48 35.84
CA LYS D 159 -6.64 6.72 36.50
C LYS D 159 -7.83 6.18 35.73
N LEU D 160 -7.61 5.54 34.57
CA LEU D 160 -8.74 4.92 33.89
C LEU D 160 -9.22 3.70 34.70
N SER D 161 -10.50 3.30 34.52
CA SER D 161 -11.09 2.13 35.18
C SER D 161 -10.61 0.86 34.46
N ALA D 162 -9.31 0.58 34.64
CA ALA D 162 -8.61 -0.57 34.09
C ALA D 162 -7.41 -0.81 34.97
N SER D 163 -6.80 -2.02 34.91
CA SER D 163 -5.63 -2.27 35.76
C SER D 163 -4.48 -1.30 35.39
N LYS D 164 -3.64 -0.96 36.37
CA LYS D 164 -2.47 -0.11 36.12
C LYS D 164 -1.56 -0.85 35.12
N GLU D 165 -1.41 -2.19 35.26
CA GLU D 165 -0.64 -3.01 34.33
C GLU D 165 -1.10 -2.82 32.88
N ASN D 166 -2.43 -2.92 32.62
CA ASN D 166 -2.93 -2.78 31.26
C ASN D 166 -2.74 -1.37 30.70
N GLN D 167 -2.89 -0.36 31.56
CA GLN D 167 -2.61 1.03 31.14
C GLN D 167 -1.12 1.20 30.79
N LEU D 168 -0.22 0.61 31.61
CA LEU D 168 1.23 0.69 31.34
C LEU D 168 1.62 -0.03 30.03
N ILE D 169 0.98 -1.17 29.75
CA ILE D 169 1.26 -1.91 28.51
C ILE D 169 0.87 -1.04 27.28
N VAL D 170 -0.34 -0.46 27.31
CA VAL D 170 -0.82 0.38 26.21
C VAL D 170 0.04 1.64 26.09
N LYS D 171 0.47 2.20 27.21
CA LYS D 171 1.36 3.38 27.15
C LYS D 171 2.70 3.04 26.45
N GLU D 172 3.36 1.92 26.77
CA GLU D 172 4.62 1.66 26.03
C GLU D 172 4.34 1.44 24.54
N ALA D 173 3.15 0.86 24.20
CA ALA D 173 2.81 0.62 22.79
C ALA D 173 2.63 1.92 22.03
N LEU D 174 2.39 3.03 22.76
CA LEU D 174 2.15 4.34 22.16
C LEU D 174 3.41 5.19 22.02
N VAL D 175 4.55 4.74 22.55
CA VAL D 175 5.77 5.58 22.43
C VAL D 175 6.18 5.75 20.95
N THR D 176 6.34 7.00 20.49
CA THR D 176 6.72 7.26 19.11
C THR D 176 8.04 8.05 18.97
N GLU D 177 8.53 8.66 20.05
CA GLU D 177 9.77 9.42 20.04
C GLU D 177 10.41 9.26 21.38
N ALA D 178 11.73 9.03 21.38
CA ALA D 178 12.45 8.83 22.62
C ALA D 178 13.81 9.49 22.57
N ALA D 179 14.10 10.24 23.60
CA ALA D 179 15.40 10.86 23.78
C ALA D 179 15.65 10.87 25.30
N PRO D 180 16.87 11.15 25.78
CA PRO D 180 17.10 11.08 27.24
C PRO D 180 16.14 11.91 28.11
N GLU D 181 15.76 13.11 27.66
CA GLU D 181 14.86 13.99 28.41
C GLU D 181 13.65 14.42 27.56
N TYR D 182 13.21 13.58 26.64
CA TYR D 182 12.09 13.92 25.81
C TYR D 182 11.43 12.62 25.41
N LEU D 183 10.12 12.47 25.69
CA LEU D 183 9.42 11.24 25.34
C LEU D 183 8.06 11.57 24.81
N VAL D 184 7.67 10.99 23.67
CA VAL D 184 6.36 11.27 23.09
C VAL D 184 5.55 9.99 22.99
N HIS D 185 4.30 10.06 23.41
CA HIS D 185 3.30 8.98 23.24
C HIS D 185 2.26 9.56 22.30
N SER D 186 1.93 8.89 21.21
CA SER D 186 0.97 9.52 20.28
C SER D 186 0.30 8.49 19.41
N LYS D 187 -0.81 8.92 18.81
CA LYS D 187 -1.55 8.08 17.88
C LYS D 187 -2.22 8.94 16.83
N THR D 188 -2.11 8.52 15.56
CA THR D 188 -2.81 9.22 14.46
C THR D 188 -4.17 8.55 14.21
N GLY D 189 -5.05 9.21 13.45
CA GLY D 189 -6.32 8.66 13.02
C GLY D 189 -6.70 9.33 11.71
N PHE D 190 -7.50 8.65 10.84
CA PHE D 190 -7.93 9.25 9.61
C PHE D 190 -9.13 8.42 9.16
N SER D 191 -10.30 9.07 9.06
CA SER D 191 -11.53 8.34 8.72
C SER D 191 -11.64 8.01 7.26
N GLY D 192 -10.84 8.67 6.45
CA GLY D 192 -10.89 8.55 5.00
C GLY D 192 -11.18 9.92 4.39
N VAL D 193 -10.82 10.13 3.10
CA VAL D 193 -11.02 11.42 2.42
C VAL D 193 -12.52 11.61 2.21
N GLY D 194 -12.99 12.81 2.50
CA GLY D 194 -14.37 13.17 2.24
C GLY D 194 -14.41 14.18 1.12
N THR D 195 -15.55 14.81 0.95
CA THR D 195 -15.71 15.86 -0.05
C THR D 195 -15.54 17.18 0.67
N GLU D 196 -15.59 18.33 -0.05
CA GLU D 196 -15.47 19.64 0.61
C GLU D 196 -16.64 19.88 1.56
N SER D 197 -17.86 19.52 1.10
CA SER D 197 -19.08 19.68 1.89
C SER D 197 -19.18 18.67 3.05
N ASN D 198 -18.68 17.41 2.85
CA ASN D 198 -18.72 16.35 3.87
C ASN D 198 -17.31 15.75 4.03
N PRO D 199 -16.38 16.49 4.63
CA PRO D 199 -15.01 15.98 4.72
C PRO D 199 -14.82 14.85 5.70
N GLY D 200 -13.69 14.14 5.54
CA GLY D 200 -13.26 13.15 6.51
C GLY D 200 -12.57 13.90 7.63
N VAL D 201 -12.11 13.16 8.64
CA VAL D 201 -11.38 13.77 9.76
C VAL D 201 -10.06 13.06 9.91
N ALA D 202 -9.03 13.82 10.24
CA ALA D 202 -7.70 13.28 10.54
C ALA D 202 -7.31 13.80 11.92
N TRP D 203 -6.71 12.93 12.74
CA TRP D 203 -6.30 13.26 14.09
C TRP D 203 -4.83 13.00 14.33
N TRP D 204 -4.32 13.65 15.36
CA TRP D 204 -3.04 13.33 15.99
C TRP D 204 -3.21 13.66 17.46
N VAL D 205 -3.11 12.65 18.35
CA VAL D 205 -3.34 12.90 19.76
C VAL D 205 -2.21 12.28 20.58
N GLY D 206 -1.96 12.78 21.79
CA GLY D 206 -0.91 12.18 22.60
C GLY D 206 -0.44 13.10 23.68
N TRP D 207 0.78 12.85 24.17
CA TRP D 207 1.38 13.71 25.16
C TRP D 207 2.88 13.71 25.00
N VAL D 208 3.48 14.80 25.43
CA VAL D 208 4.93 15.00 25.36
C VAL D 208 5.44 15.16 26.76
N GLU D 209 6.47 14.40 27.13
CA GLU D 209 7.13 14.56 28.42
C GLU D 209 8.47 15.19 28.10
N LYS D 210 8.68 16.43 28.54
CA LYS D 210 9.93 17.13 28.26
C LYS D 210 10.51 17.55 29.60
N GLU D 211 11.70 17.01 29.92
CA GLU D 211 12.34 17.25 31.21
C GLU D 211 11.30 16.79 32.27
N THR D 212 10.88 17.64 33.22
CA THR D 212 9.89 17.22 34.21
C THR D 212 8.50 17.77 33.94
N GLU D 213 8.27 18.27 32.73
CA GLU D 213 6.96 18.80 32.35
C GLU D 213 6.21 17.81 31.45
N VAL D 214 4.88 17.90 31.42
CA VAL D 214 4.04 17.05 30.56
C VAL D 214 3.07 17.96 29.81
N TYR D 215 2.90 17.72 28.51
CA TYR D 215 1.99 18.48 27.67
C TYR D 215 1.05 17.51 26.98
N PHE D 216 -0.27 17.66 27.20
CA PHE D 216 -1.24 16.78 26.55
C PHE D 216 -1.74 17.48 25.31
N PHE D 217 -1.92 16.75 24.19
CA PHE D 217 -2.38 17.45 23.00
C PHE D 217 -3.39 16.62 22.22
N ALA D 218 -4.23 17.31 21.45
CA ALA D 218 -5.14 16.64 20.53
C ALA D 218 -5.37 17.58 19.38
N PHE D 219 -5.18 17.06 18.18
CA PHE D 219 -5.38 17.78 16.94
C PHE D 219 -6.36 17.05 16.05
N ASN D 220 -7.28 17.79 15.42
CA ASN D 220 -8.08 17.20 14.34
C ASN D 220 -8.25 18.20 13.23
N MET D 221 -8.53 17.72 12.04
CA MET D 221 -8.74 18.59 10.89
C MET D 221 -9.67 17.95 9.91
N ASP D 222 -10.32 18.79 9.10
CA ASP D 222 -11.15 18.30 8.02
C ASP D 222 -10.22 17.92 6.87
N ILE D 223 -10.49 16.76 6.22
CA ILE D 223 -9.69 16.29 5.07
C ILE D 223 -10.62 16.02 3.90
N ASP D 224 -10.39 16.74 2.81
CA ASP D 224 -11.17 16.62 1.58
C ASP D 224 -10.24 16.44 0.40
N ASN D 225 -8.96 16.22 0.67
CA ASN D 225 -7.92 16.03 -0.33
C ASN D 225 -6.86 15.17 0.34
N GLU D 226 -6.62 13.99 -0.22
CA GLU D 226 -5.68 13.00 0.29
C GLU D 226 -4.28 13.58 0.55
N SER D 227 -3.84 14.54 -0.30
CA SER D 227 -2.52 15.15 -0.21
C SER D 227 -2.32 15.96 1.08
N LYS D 228 -3.42 16.36 1.75
CA LYS D 228 -3.36 17.15 2.99
C LYS D 228 -3.11 16.30 4.25
N LEU D 229 -3.18 14.97 4.15
CA LEU D 229 -3.02 14.10 5.32
C LEU D 229 -1.78 14.37 6.22
N PRO D 230 -0.54 14.60 5.67
CA PRO D 230 0.62 14.80 6.58
C PRO D 230 0.55 16.04 7.50
N LEU D 231 -0.36 16.98 7.15
CA LEU D 231 -0.56 18.16 7.97
C LEU D 231 -1.06 17.80 9.37
N ARG D 232 -1.61 16.57 9.58
CA ARG D 232 -2.10 16.18 10.92
C ARG D 232 -0.95 16.10 11.94
N LYS D 233 0.30 15.89 11.44
CA LYS D 233 1.45 15.93 12.32
C LYS D 233 2.21 17.24 12.14
N SER D 234 2.34 17.78 10.90
CA SER D 234 3.18 18.96 10.74
C SER D 234 2.60 20.25 11.36
N ILE D 235 1.27 20.44 11.32
CA ILE D 235 0.66 21.62 11.95
C ILE D 235 0.87 21.58 13.47
N PRO D 236 0.45 20.50 14.21
CA PRO D 236 0.72 20.49 15.67
C PRO D 236 2.22 20.57 16.01
N THR D 237 3.09 19.93 15.19
CA THR D 237 4.54 19.99 15.43
C THR D 237 5.02 21.46 15.33
N LYS D 238 4.59 22.22 14.29
CA LYS D 238 4.99 23.62 14.10
C LYS D 238 4.52 24.46 15.28
N ILE D 239 3.30 24.18 15.77
CA ILE D 239 2.77 24.91 16.94
C ILE D 239 3.61 24.59 18.18
N MET D 240 3.90 23.29 18.42
CA MET D 240 4.69 22.93 19.59
C MET D 240 6.14 23.47 19.49
N GLU D 241 6.68 23.59 18.27
CA GLU D 241 8.01 24.17 18.04
C GLU D 241 7.97 25.69 18.38
N SER D 242 6.88 26.40 17.95
CA SER D 242 6.77 27.84 18.21
C SER D 242 6.57 28.13 19.71
N GLU D 243 6.02 27.15 20.44
CA GLU D 243 5.78 27.20 21.88
C GLU D 243 7.02 26.85 22.69
N GLY D 244 8.05 26.35 22.02
CA GLY D 244 9.30 25.98 22.67
C GLY D 244 9.29 24.59 23.28
N ILE D 245 8.24 23.79 22.99
CA ILE D 245 8.16 22.41 23.48
C ILE D 245 9.13 21.56 22.65
N ILE D 246 9.15 21.74 21.34
CA ILE D 246 10.10 21.01 20.49
C ILE D 246 11.27 21.94 20.23
N GLY D 247 12.45 21.55 20.69
CA GLY D 247 13.67 22.34 20.54
C GLY D 247 14.06 23.07 21.80
N GLY D 248 15.30 23.55 21.87
CA GLY D 248 15.82 24.26 23.05
C GLY D 248 15.94 25.78 22.89
#